data_8WTP
#
_entry.id   8WTP
#
_cell.length_a   1.00
_cell.length_b   1.00
_cell.length_c   1.00
_cell.angle_alpha   90.00
_cell.angle_beta   90.00
_cell.angle_gamma   90.00
#
_symmetry.space_group_name_H-M   'P 1'
#
_entity_poly.entity_id   1
_entity_poly.type   'polypeptide(L)'
_entity_poly.pdbx_seq_one_letter_code
;MSRILVEDDNATPFHSMEIISSSLTLGQLLKNVSDVRKVEVGDETPVHEFFDRDGSSLDGDNDHLMRPVPFVLSFNNLTY
NVSVRRKLDFHDLVPWRRTSFSKTKTLLDNISGETRDGEILAVLGASGSGKSTLIDALANRIAKGSLKGTVTLNGEALQS
RMLKVISAYVMQDDLLFPMLTVEETLMFAAEFRLPRSLPKSKKKLRVQALIDQLGIRNAAKTIIGDEGHRGISGGERRRV
SIGIDIIHDPIVLFLDEPTSGLDSTSAFMVVKVLKRIAESGSIIIMSIHQPSHRVLSLLDRLIFLSRGHTVFSGSPASLP
SFFAGFGNPIPENENQTEFALDLIRELEGSAGGTRGLVEFNKKWQEMKKQSNPQTLTPPASPNPNLTLKEAISASISRGK
LVSGGGGGSSVINHGGGTLAVPAFANPFWIEIKTLTRRSILNSRRQPELLGMRLATVIVTGFILATVFWRLDNSPKGVQE
RLGFFAFAMSTMFYTCADALPVFLQERYIFMRETAYNAYRRSSYVLSHAIVTFPSLIFLSLAFAVTTFWAVGLEGGLMGF
LFYCLIILASFWSGSSFVTFLSGVVPHVMLGYTIVVAILAYFLLFSGFFINRDRIPQYWIWFHYLSLVKYPYEAVLQNEF
SDPTECFVRGVQLFDNSPLGELTYGMKLRLLDSVSRSIGMRISSSTCLTTGADVLKQQGVTQLSKWNCLLITVGFGFLFR
ILFYLCLLLGSKNKRR
;
_entity_poly.pdbx_strand_id   A,B
#
# COMPACT_ATOMS: atom_id res chain seq x y z
N ARG A 67 20.01 -35.99 30.09
CA ARG A 67 20.63 -34.89 30.83
C ARG A 67 19.68 -33.67 31.08
N PRO A 68 18.79 -33.29 30.16
CA PRO A 68 17.69 -32.41 30.55
C PRO A 68 16.62 -33.17 31.34
N VAL A 69 15.61 -32.41 31.76
CA VAL A 69 14.47 -32.96 32.49
C VAL A 69 13.47 -33.52 31.47
N PRO A 70 13.09 -34.79 31.58
CA PRO A 70 12.25 -35.40 30.53
C PRO A 70 10.79 -34.99 30.66
N PHE A 71 10.27 -34.36 29.62
CA PHE A 71 8.86 -33.98 29.54
C PHE A 71 8.18 -34.81 28.46
N VAL A 72 6.92 -35.15 28.67
CA VAL A 72 6.10 -35.74 27.61
C VAL A 72 4.86 -34.87 27.47
N LEU A 73 4.44 -34.64 26.23
CA LEU A 73 3.15 -34.04 25.94
C LEU A 73 2.34 -35.06 25.17
N SER A 74 1.09 -35.26 25.56
CA SER A 74 0.32 -36.35 24.99
C SER A 74 -1.12 -35.89 24.83
N PHE A 75 -1.44 -35.35 23.66
CA PHE A 75 -2.80 -34.94 23.37
C PHE A 75 -3.60 -36.13 22.86
N ASN A 76 -4.89 -36.15 23.18
CA ASN A 76 -5.72 -37.32 22.90
C ASN A 76 -7.14 -36.89 22.56
N ASN A 77 -7.68 -37.50 21.50
CA ASN A 77 -9.12 -37.48 21.16
C ASN A 77 -9.65 -36.06 20.95
N LEU A 78 -8.82 -35.21 20.33
CA LEU A 78 -9.18 -33.82 20.13
C LEU A 78 -10.26 -33.68 19.07
N THR A 79 -11.38 -33.08 19.46
CA THR A 79 -12.49 -32.82 18.55
C THR A 79 -12.80 -31.34 18.61
N TYR A 80 -12.50 -30.62 17.53
CA TYR A 80 -12.76 -29.19 17.46
C TYR A 80 -13.88 -28.94 16.47
N ASN A 81 -14.95 -28.30 16.92
CA ASN A 81 -16.14 -28.07 16.13
C ASN A 81 -16.41 -26.58 16.06
N VAL A 82 -16.91 -26.12 14.92
CA VAL A 82 -17.31 -24.73 14.77
C VAL A 82 -18.41 -24.58 13.73
N THR A 104 -22.50 -26.28 12.36
CA THR A 104 -21.18 -26.72 12.81
C THR A 104 -20.29 -27.07 11.64
N LYS A 105 -19.03 -27.38 11.92
CA LYS A 105 -18.07 -27.73 10.90
C LYS A 105 -17.34 -29.04 11.17
N THR A 106 -17.02 -29.32 12.43
CA THR A 106 -16.10 -30.39 12.85
C THR A 106 -14.78 -30.26 12.08
N LEU A 107 -14.07 -29.18 12.39
CA LEU A 107 -12.82 -28.87 11.72
C LEU A 107 -11.72 -29.86 12.10
N LEU A 108 -11.79 -30.43 13.30
CA LEU A 108 -10.87 -31.45 13.75
C LEU A 108 -11.64 -32.49 14.54
N ASP A 109 -11.29 -33.76 14.38
CA ASP A 109 -11.92 -34.80 15.19
C ASP A 109 -10.96 -35.98 15.40
N ASN A 110 -10.78 -36.34 16.67
CA ASN A 110 -10.06 -37.53 17.12
C ASN A 110 -8.61 -37.54 16.62
N ILE A 111 -7.85 -36.53 17.05
CA ILE A 111 -6.42 -36.47 16.79
C ILE A 111 -5.72 -36.87 18.07
N SER A 112 -4.90 -37.91 17.99
CA SER A 112 -4.13 -38.38 19.13
C SER A 112 -2.65 -38.24 18.80
N GLY A 113 -1.84 -38.01 19.84
CA GLY A 113 -0.42 -37.85 19.60
C GLY A 113 0.36 -37.90 20.88
N GLU A 114 1.67 -37.79 20.73
CA GLU A 114 2.61 -37.91 21.83
C GLU A 114 3.90 -37.23 21.41
N THR A 115 4.49 -36.45 22.31
CA THR A 115 5.72 -35.73 22.02
C THR A 115 6.65 -35.83 23.22
N ARG A 116 7.95 -35.90 22.96
CA ARG A 116 8.98 -35.86 23.98
C ARG A 116 9.72 -34.53 23.92
N ASP A 117 10.53 -34.26 24.93
CA ASP A 117 11.56 -33.26 24.75
C ASP A 117 12.76 -33.92 24.07
N GLY A 118 13.56 -33.11 23.40
CA GLY A 118 14.58 -33.62 22.53
C GLY A 118 14.13 -33.76 21.08
N GLU A 119 12.84 -33.92 20.85
CA GLU A 119 12.29 -34.23 19.54
C GLU A 119 11.63 -33.00 18.95
N ILE A 120 11.31 -33.08 17.67
CA ILE A 120 10.52 -32.08 16.98
C ILE A 120 9.33 -32.79 16.37
N LEU A 121 8.13 -32.51 16.87
CA LEU A 121 6.90 -32.98 16.26
C LEU A 121 6.51 -32.02 15.15
N ALA A 122 6.46 -32.52 13.92
CA ALA A 122 6.03 -31.73 12.79
C ALA A 122 4.64 -32.18 12.37
N VAL A 123 3.74 -31.22 12.19
CA VAL A 123 2.39 -31.48 11.71
C VAL A 123 2.32 -31.01 10.27
N LEU A 124 1.95 -31.91 9.37
CA LEU A 124 1.91 -31.60 7.95
C LEU A 124 0.49 -31.71 7.41
N GLY A 125 0.20 -30.85 6.43
CA GLY A 125 -1.06 -30.85 5.72
C GLY A 125 -0.84 -30.16 4.39
N ALA A 126 -1.89 -30.18 3.57
CA ALA A 126 -1.71 -29.74 2.19
C ALA A 126 -1.81 -28.23 2.02
N SER A 127 -2.99 -27.67 2.24
CA SER A 127 -3.20 -26.24 2.00
C SER A 127 -4.17 -25.62 3.01
N GLY A 128 -4.17 -26.11 4.24
CA GLY A 128 -5.23 -25.73 5.15
C GLY A 128 -5.98 -26.95 5.64
N SER A 129 -5.25 -28.07 5.75
CA SER A 129 -5.80 -29.34 6.19
C SER A 129 -6.22 -29.32 7.65
N GLY A 130 -5.66 -28.44 8.46
CA GLY A 130 -5.87 -28.46 9.89
C GLY A 130 -4.56 -28.57 10.63
N LYS A 131 -3.46 -28.36 9.90
CA LYS A 131 -2.12 -28.35 10.51
C LYS A 131 -2.00 -27.19 11.49
N SER A 132 -2.30 -25.97 11.04
CA SER A 132 -2.70 -24.92 11.95
C SER A 132 -4.18 -25.10 12.25
N THR A 133 -4.58 -24.68 13.46
CA THR A 133 -5.80 -24.95 14.23
C THR A 133 -5.67 -26.33 14.89
N LEU A 134 -4.55 -27.02 14.67
CA LEU A 134 -4.09 -28.00 15.65
C LEU A 134 -3.02 -27.39 16.54
N ILE A 135 -2.20 -26.51 15.97
CA ILE A 135 -1.28 -25.71 16.77
C ILE A 135 -2.06 -24.70 17.60
N ASP A 136 -3.14 -24.15 17.05
CA ASP A 136 -4.03 -23.30 17.82
C ASP A 136 -4.86 -24.09 18.82
N ALA A 137 -5.05 -25.38 18.58
CA ALA A 137 -5.82 -26.22 19.50
C ALA A 137 -4.96 -26.70 20.65
N LEU A 138 -3.67 -26.91 20.43
CA LEU A 138 -2.77 -27.33 21.48
C LEU A 138 -2.24 -26.19 22.30
N ALA A 139 -2.40 -24.95 21.83
CA ALA A 139 -2.00 -23.78 22.58
C ALA A 139 -3.16 -23.09 23.26
N ASN A 140 -4.36 -23.67 23.18
CA ASN A 140 -5.61 -23.14 23.73
C ASN A 140 -5.87 -21.72 23.23
N ARG A 141 -5.82 -21.56 21.91
CA ARG A 141 -5.95 -20.25 21.30
C ARG A 141 -7.20 -20.12 20.46
N ILE A 142 -8.22 -20.95 20.71
CA ILE A 142 -9.45 -20.87 19.94
C ILE A 142 -10.69 -20.65 20.81
N ALA A 143 -11.06 -21.66 21.62
CA ALA A 143 -12.25 -21.67 22.46
C ALA A 143 -12.20 -22.89 23.38
N LYS A 144 -12.56 -22.74 24.64
CA LYS A 144 -12.75 -23.89 25.52
C LYS A 144 -14.25 -24.18 25.63
N GLY A 145 -14.63 -25.39 25.24
CA GLY A 145 -16.03 -25.73 25.11
C GLY A 145 -16.34 -26.15 23.69
N SER A 146 -15.76 -25.45 22.72
CA SER A 146 -15.77 -25.85 21.32
C SER A 146 -14.64 -26.81 20.99
N LEU A 147 -13.79 -27.12 21.96
CA LEU A 147 -12.77 -28.15 21.87
C LEU A 147 -13.06 -29.20 22.92
N LYS A 148 -13.04 -30.46 22.52
CA LYS A 148 -13.19 -31.56 23.46
C LYS A 148 -12.02 -32.52 23.29
N GLY A 149 -11.48 -32.96 24.42
CA GLY A 149 -10.33 -33.83 24.39
C GLY A 149 -9.28 -33.44 25.42
N THR A 150 -8.72 -34.44 26.08
CA THR A 150 -7.75 -34.18 27.12
C THR A 150 -6.38 -33.89 26.53
N VAL A 151 -5.78 -32.78 26.95
CA VAL A 151 -4.40 -32.46 26.61
C VAL A 151 -3.59 -32.68 27.87
N THR A 152 -2.52 -33.47 27.76
CA THR A 152 -1.85 -34.04 28.91
C THR A 152 -0.36 -33.73 28.82
N LEU A 153 0.24 -33.35 29.94
CA LEU A 153 1.68 -33.17 30.04
C LEU A 153 2.18 -33.96 31.25
N ASN A 154 3.28 -34.70 31.07
CA ASN A 154 3.87 -35.60 32.08
C ASN A 154 2.87 -36.60 32.67
N GLY A 155 1.86 -37.00 31.92
CA GLY A 155 0.82 -37.83 32.49
C GLY A 155 -0.11 -37.10 33.43
N GLU A 156 -0.20 -35.77 33.33
CA GLU A 156 -1.10 -34.98 34.16
C GLU A 156 -1.86 -34.02 33.27
N ALA A 157 -3.05 -33.65 33.73
CA ALA A 157 -3.92 -32.74 32.99
C ALA A 157 -3.30 -31.35 32.90
N LEU A 158 -3.77 -30.58 31.94
CA LEU A 158 -3.14 -29.31 31.61
C LEU A 158 -4.21 -28.26 31.34
N GLN A 159 -4.10 -27.13 32.03
CA GLN A 159 -5.02 -26.02 31.92
C GLN A 159 -4.26 -24.78 31.46
N SER A 160 -5.02 -23.75 31.05
CA SER A 160 -4.48 -22.59 30.36
C SER A 160 -3.66 -21.66 31.25
N ARG A 161 -3.74 -21.81 32.57
CA ARG A 161 -2.89 -21.01 33.43
C ARG A 161 -1.45 -21.48 33.38
N MET A 162 -1.25 -22.79 33.18
CA MET A 162 0.10 -23.34 33.18
C MET A 162 0.76 -23.26 31.82
N LEU A 163 -0.02 -23.33 30.73
CA LEU A 163 0.52 -23.32 29.38
C LEU A 163 0.80 -21.89 28.89
N LYS A 164 0.63 -20.88 29.72
CA LYS A 164 1.09 -19.56 29.32
C LYS A 164 2.31 -19.09 30.07
N VAL A 165 2.70 -19.76 31.15
CA VAL A 165 4.03 -19.56 31.69
C VAL A 165 5.03 -20.55 31.11
N ILE A 166 4.54 -21.67 30.56
CA ILE A 166 5.43 -22.75 30.13
C ILE A 166 5.66 -22.74 28.63
N SER A 167 4.87 -21.99 27.86
CA SER A 167 4.87 -22.15 26.43
C SER A 167 4.95 -20.83 25.70
N ALA A 168 5.08 -20.93 24.38
CA ALA A 168 5.22 -19.78 23.53
C ALA A 168 4.73 -20.14 22.14
N TYR A 169 3.89 -19.29 21.57
CA TYR A 169 3.33 -19.49 20.24
C TYR A 169 3.98 -18.50 19.30
N VAL A 170 4.56 -18.99 18.22
CA VAL A 170 5.29 -18.18 17.27
C VAL A 170 4.42 -18.05 16.02
N MET A 171 3.87 -16.86 15.78
CA MET A 171 2.97 -16.65 14.67
C MET A 171 3.72 -16.65 13.35
N GLN A 172 2.95 -16.68 12.25
CA GLN A 172 3.52 -16.77 10.91
C GLN A 172 3.66 -15.37 10.35
N ASP A 173 4.62 -14.63 10.89
CA ASP A 173 5.01 -13.32 10.39
C ASP A 173 6.41 -12.99 10.90
N ASP A 174 6.96 -11.88 10.43
CA ASP A 174 8.13 -11.26 11.04
C ASP A 174 7.77 -9.80 11.20
N LEU A 175 7.04 -9.48 12.26
CA LEU A 175 6.63 -8.11 12.54
C LEU A 175 7.61 -7.57 13.57
N LEU A 176 8.66 -6.91 13.07
CA LEU A 176 9.66 -6.30 13.92
C LEU A 176 9.81 -4.86 13.48
N PHE A 177 10.46 -4.08 14.31
CA PHE A 177 10.75 -2.71 13.89
C PHE A 177 11.91 -2.71 12.90
N PRO A 178 11.86 -1.88 11.86
CA PRO A 178 12.84 -2.00 10.77
C PRO A 178 14.23 -1.56 11.16
N MET A 179 14.34 -0.59 12.07
CA MET A 179 15.59 -0.21 12.72
C MET A 179 15.79 -1.13 13.91
N LEU A 180 16.55 -0.70 14.92
CA LEU A 180 16.81 -1.48 16.13
C LEU A 180 17.56 -2.76 15.81
N THR A 181 18.87 -2.64 15.62
CA THR A 181 19.78 -3.76 15.42
C THR A 181 19.57 -4.92 16.39
N VAL A 182 19.90 -6.14 15.94
CA VAL A 182 19.53 -7.32 16.69
C VAL A 182 20.57 -7.55 17.77
N GLU A 183 20.53 -6.70 18.77
CA GLU A 183 21.02 -7.00 20.11
C GLU A 183 20.04 -6.26 20.98
N GLU A 184 19.36 -5.30 20.35
CA GLU A 184 18.42 -4.38 20.98
C GLU A 184 16.98 -4.83 20.82
N THR A 185 16.64 -5.43 19.67
CA THR A 185 15.34 -6.05 19.46
C THR A 185 15.08 -7.13 20.49
N LEU A 186 16.08 -7.98 20.74
CA LEU A 186 15.96 -9.01 21.76
C LEU A 186 16.19 -8.48 23.17
N MET A 187 16.77 -7.29 23.33
CA MET A 187 16.90 -6.70 24.65
C MET A 187 15.69 -5.86 25.02
N PHE A 188 14.93 -5.38 24.04
CA PHE A 188 13.63 -4.79 24.37
C PHE A 188 12.64 -5.86 24.78
N ALA A 189 12.60 -6.98 24.03
CA ALA A 189 11.77 -8.12 24.39
C ALA A 189 12.23 -8.79 25.67
N ALA A 190 13.49 -8.57 26.08
CA ALA A 190 13.94 -9.09 27.37
C ALA A 190 13.31 -8.32 28.52
N GLU A 191 13.38 -6.98 28.48
CA GLU A 191 12.90 -6.20 29.61
C GLU A 191 11.38 -6.14 29.70
N PHE A 192 10.68 -6.34 28.59
CA PHE A 192 9.23 -6.45 28.62
C PHE A 192 8.79 -7.71 29.35
N ARG A 193 9.45 -8.83 29.05
CA ARG A 193 8.92 -10.15 29.37
C ARG A 193 9.67 -10.87 30.47
N LEU A 194 10.98 -10.69 30.59
CA LEU A 194 11.63 -11.26 31.75
C LEU A 194 11.30 -10.42 32.98
N PRO A 195 11.20 -11.04 34.17
CA PRO A 195 10.81 -10.28 35.36
C PRO A 195 11.89 -9.29 35.80
N ARG A 196 11.44 -8.25 36.49
CA ARG A 196 12.33 -7.17 36.86
C ARG A 196 13.10 -7.44 38.15
N SER A 197 12.80 -8.53 38.85
CA SER A 197 13.63 -8.92 39.98
C SER A 197 15.00 -9.40 39.53
N LEU A 198 15.08 -9.89 38.29
CA LEU A 198 16.38 -10.10 37.67
C LEU A 198 17.09 -8.76 37.48
N PRO A 199 18.39 -8.70 37.73
CA PRO A 199 19.17 -7.55 37.30
C PRO A 199 19.33 -7.57 35.79
N LYS A 200 19.74 -6.43 35.24
CA LYS A 200 20.05 -6.42 33.81
C LYS A 200 21.37 -7.11 33.50
N SER A 201 22.20 -7.38 34.51
CA SER A 201 23.45 -8.11 34.28
C SER A 201 23.19 -9.54 33.84
N LYS A 202 22.27 -10.22 34.53
CA LYS A 202 21.84 -11.55 34.09
C LYS A 202 20.99 -11.46 32.82
N LYS A 203 20.23 -10.37 32.67
CA LYS A 203 19.37 -10.22 31.51
C LYS A 203 20.16 -9.92 30.24
N LYS A 204 21.32 -9.27 30.35
CA LYS A 204 22.14 -9.04 29.17
C LYS A 204 22.82 -10.32 28.70
N LEU A 205 23.07 -11.27 29.59
CA LEU A 205 23.69 -12.52 29.13
C LEU A 205 22.66 -13.56 28.72
N ARG A 206 21.42 -13.43 29.17
CA ARG A 206 20.34 -14.26 28.63
C ARG A 206 20.11 -13.94 27.16
N VAL A 207 20.23 -12.66 26.79
CA VAL A 207 20.19 -12.32 25.37
C VAL A 207 21.47 -12.76 24.68
N GLN A 208 22.60 -12.75 25.40
CA GLN A 208 23.84 -13.23 24.80
C GLN A 208 23.88 -14.75 24.68
N ALA A 209 23.19 -15.45 25.58
CA ALA A 209 23.07 -16.90 25.42
C ALA A 209 22.14 -17.25 24.27
N LEU A 210 21.07 -16.46 24.10
CA LEU A 210 20.11 -16.71 23.02
C LEU A 210 20.70 -16.34 21.67
N ILE A 211 21.54 -15.31 21.60
CA ILE A 211 22.08 -14.88 20.32
C ILE A 211 23.14 -15.84 19.80
N ASP A 212 23.70 -16.69 20.67
CA ASP A 212 24.58 -17.77 20.27
C ASP A 212 23.83 -19.07 19.99
N GLN A 213 22.74 -19.32 20.73
CA GLN A 213 21.88 -20.46 20.44
C GLN A 213 21.21 -20.30 19.09
N LEU A 214 20.79 -19.09 18.76
CA LEU A 214 20.43 -18.74 17.40
C LEU A 214 21.71 -18.57 16.58
N GLY A 215 21.58 -18.74 15.27
CA GLY A 215 22.76 -18.65 14.42
C GLY A 215 23.03 -17.26 13.88
N ILE A 216 22.96 -16.26 14.74
CA ILE A 216 23.13 -14.86 14.35
C ILE A 216 24.16 -14.20 15.26
N ARG A 217 25.41 -14.20 14.83
CA ARG A 217 26.45 -13.37 15.44
C ARG A 217 27.07 -12.40 14.46
N ASN A 218 27.00 -12.68 13.17
CA ASN A 218 27.31 -11.70 12.14
C ASN A 218 26.29 -10.58 12.10
N ALA A 219 25.06 -10.85 12.54
CA ALA A 219 23.98 -9.89 12.49
C ALA A 219 23.64 -9.35 13.87
N ALA A 220 24.53 -9.51 14.85
CA ALA A 220 24.24 -9.02 16.19
C ALA A 220 24.38 -7.51 16.30
N LYS A 221 25.03 -6.86 15.33
CA LYS A 221 25.25 -5.42 15.35
C LYS A 221 24.75 -4.75 14.08
N THR A 222 23.85 -5.39 13.36
CA THR A 222 23.28 -4.80 12.15
C THR A 222 21.78 -4.64 12.30
N ILE A 223 21.27 -3.56 11.68
CA ILE A 223 19.85 -3.21 11.68
C ILE A 223 19.02 -4.32 11.03
N ILE A 224 17.79 -4.50 11.52
CA ILE A 224 16.87 -5.50 10.97
C ILE A 224 16.58 -5.21 9.51
N GLY A 225 16.35 -3.94 9.18
CA GLY A 225 16.42 -3.59 7.78
C GLY A 225 15.27 -3.99 6.89
N ASP A 226 14.19 -3.22 6.89
CA ASP A 226 13.08 -3.42 5.97
C ASP A 226 13.46 -3.16 4.52
N GLU A 227 12.46 -3.23 3.61
CA GLU A 227 12.67 -3.30 2.17
C GLU A 227 13.44 -2.10 1.60
N GLY A 228 13.39 -0.95 2.28
CA GLY A 228 14.14 0.20 1.83
C GLY A 228 15.45 0.47 2.55
N HIS A 229 15.73 -0.20 3.67
CA HIS A 229 16.94 0.11 4.41
C HIS A 229 17.61 -1.19 4.91
N ARG A 230 17.75 -2.17 4.01
CA ARG A 230 18.20 -3.54 4.27
C ARG A 230 19.43 -3.71 5.17
N GLY A 231 19.29 -4.52 6.22
CA GLY A 231 20.42 -4.79 7.10
C GLY A 231 20.73 -6.22 7.50
N ILE A 232 19.76 -7.14 7.46
CA ILE A 232 20.00 -8.57 7.69
C ILE A 232 19.24 -9.37 6.64
N SER A 233 19.44 -10.69 6.67
CA SER A 233 18.89 -11.58 5.68
C SER A 233 17.39 -11.77 5.90
N GLY A 234 16.73 -12.40 4.93
CA GLY A 234 15.33 -12.74 5.09
C GLY A 234 15.13 -13.89 6.05
N GLY A 235 16.02 -14.87 6.01
CA GLY A 235 15.99 -15.97 6.95
C GLY A 235 16.68 -15.70 8.26
N GLU A 236 17.39 -14.57 8.36
CA GLU A 236 17.91 -14.13 9.64
C GLU A 236 17.00 -13.15 10.36
N ARG A 237 15.94 -12.67 9.71
CA ARG A 237 14.85 -12.06 10.45
C ARG A 237 14.01 -13.10 11.15
N ARG A 238 13.84 -14.27 10.52
CA ARG A 238 12.99 -15.32 11.05
C ARG A 238 13.55 -15.87 12.35
N ARG A 239 14.86 -15.95 12.47
CA ARG A 239 15.43 -16.42 13.73
C ARG A 239 15.38 -15.36 14.82
N VAL A 240 15.04 -14.11 14.50
CA VAL A 240 14.86 -13.10 15.54
C VAL A 240 13.44 -13.10 16.06
N SER A 241 12.46 -13.18 15.15
CA SER A 241 11.07 -13.23 15.57
C SER A 241 10.77 -14.53 16.28
N ILE A 242 11.42 -15.62 15.87
CA ILE A 242 11.41 -16.84 16.67
C ILE A 242 12.13 -16.60 17.99
N GLY A 243 13.22 -15.84 17.97
CA GLY A 243 14.01 -15.61 19.17
C GLY A 243 13.36 -14.70 20.18
N ILE A 244 12.46 -13.81 19.75
CA ILE A 244 11.73 -12.95 20.68
C ILE A 244 10.85 -13.78 21.61
N ASP A 245 10.20 -14.79 21.06
CA ASP A 245 9.28 -15.64 21.81
C ASP A 245 9.98 -16.67 22.69
N ILE A 246 11.29 -16.82 22.56
CA ILE A 246 12.06 -17.73 23.40
C ILE A 246 12.93 -16.86 24.30
N ILE A 247 12.44 -15.67 24.64
CA ILE A 247 13.21 -14.85 25.57
C ILE A 247 13.05 -15.33 27.00
N HIS A 248 11.99 -16.06 27.30
CA HIS A 248 11.78 -16.63 28.62
C HIS A 248 12.13 -18.10 28.67
N ASP A 249 12.58 -18.67 27.55
CA ASP A 249 13.08 -20.02 27.33
C ASP A 249 12.03 -21.05 27.75
N PRO A 250 10.96 -21.21 26.99
CA PRO A 250 9.84 -22.05 27.43
C PRO A 250 10.16 -23.53 27.28
N ILE A 251 9.25 -24.37 27.75
CA ILE A 251 9.42 -25.82 27.59
C ILE A 251 8.80 -26.24 26.28
N VAL A 252 7.50 -26.10 26.14
CA VAL A 252 6.82 -26.48 24.92
C VAL A 252 6.69 -25.25 24.02
N LEU A 253 7.07 -25.39 22.75
CA LEU A 253 7.19 -24.22 21.87
C LEU A 253 6.40 -24.49 20.60
N PHE A 254 5.27 -23.83 20.45
CA PHE A 254 4.40 -23.98 19.29
C PHE A 254 4.80 -22.97 18.22
N LEU A 255 5.03 -23.45 17.00
CA LEU A 255 5.40 -22.56 15.91
C LEU A 255 4.46 -22.80 14.75
N ASP A 256 3.82 -21.74 14.29
CA ASP A 256 2.89 -21.79 13.18
C ASP A 256 3.65 -21.39 11.92
N GLU A 257 4.04 -22.40 11.12
CA GLU A 257 4.79 -22.30 9.87
C GLU A 257 6.05 -21.46 10.00
N PRO A 258 7.07 -21.92 10.74
CA PRO A 258 8.24 -21.07 10.96
C PRO A 258 9.23 -21.03 9.81
N THR A 259 8.95 -21.71 8.71
CA THR A 259 9.85 -21.75 7.56
C THR A 259 9.11 -21.38 6.28
N SER A 260 8.10 -20.54 6.39
CA SER A 260 7.34 -20.10 5.23
C SER A 260 7.96 -18.83 4.67
N GLY A 261 8.02 -18.75 3.35
CA GLY A 261 8.62 -17.60 2.71
C GLY A 261 10.13 -17.54 2.84
N LEU A 262 10.77 -18.69 3.02
CA LEU A 262 12.22 -18.76 3.14
C LEU A 262 12.78 -19.65 2.04
N ASP A 263 14.00 -19.34 1.61
CA ASP A 263 14.70 -20.22 0.71
C ASP A 263 15.16 -21.47 1.45
N SER A 264 15.41 -22.54 0.69
CA SER A 264 15.59 -23.87 1.25
C SER A 264 16.89 -24.05 2.01
N THR A 265 17.81 -23.08 1.98
CA THR A 265 19.06 -23.24 2.70
C THR A 265 19.16 -22.37 3.95
N SER A 266 18.39 -21.29 4.04
CA SER A 266 18.25 -20.56 5.30
C SER A 266 17.11 -21.09 6.13
N ALA A 267 16.12 -21.73 5.51
CA ALA A 267 15.11 -22.48 6.24
C ALA A 267 15.67 -23.74 6.86
N PHE A 268 16.83 -24.21 6.40
CA PHE A 268 17.46 -25.33 7.08
C PHE A 268 18.08 -24.91 8.40
N MET A 269 18.69 -23.73 8.43
CA MET A 269 19.32 -23.25 9.66
C MET A 269 18.29 -22.75 10.68
N VAL A 270 17.07 -22.44 10.23
CA VAL A 270 15.98 -22.20 11.16
C VAL A 270 15.64 -23.47 11.91
N VAL A 271 15.46 -24.58 11.19
CA VAL A 271 15.17 -25.84 11.85
C VAL A 271 16.42 -26.43 12.50
N LYS A 272 17.61 -25.99 12.08
CA LYS A 272 18.82 -26.47 12.76
C LYS A 272 18.97 -25.82 14.13
N VAL A 273 18.63 -24.53 14.26
CA VAL A 273 18.66 -23.93 15.59
C VAL A 273 17.41 -24.28 16.39
N LEU A 274 16.33 -24.70 15.73
CA LEU A 274 15.16 -25.16 16.47
C LEU A 274 15.45 -26.48 17.17
N LYS A 275 16.10 -27.42 16.49
CA LYS A 275 16.50 -28.63 17.19
C LYS A 275 17.63 -28.37 18.17
N ARG A 276 18.44 -27.33 17.95
CA ARG A 276 19.42 -26.93 18.95
C ARG A 276 18.73 -26.37 20.20
N ILE A 277 17.59 -25.69 20.02
CA ILE A 277 16.73 -25.37 21.15
C ILE A 277 16.15 -26.65 21.74
N ALA A 278 15.70 -27.56 20.87
CA ALA A 278 15.14 -28.82 21.32
C ALA A 278 16.20 -29.78 21.85
N GLU A 279 17.49 -29.57 21.57
CA GLU A 279 18.50 -30.39 22.23
C GLU A 279 18.69 -30.02 23.69
N SER A 280 18.17 -28.87 24.13
CA SER A 280 17.97 -28.60 25.56
C SER A 280 16.61 -29.18 25.97
N GLY A 281 16.12 -28.83 27.15
CA GLY A 281 14.89 -29.46 27.58
C GLY A 281 13.61 -28.90 26.97
N SER A 282 13.49 -28.88 25.64
CA SER A 282 12.39 -28.19 24.99
C SER A 282 11.59 -29.13 24.10
N ILE A 283 10.26 -29.00 24.17
CA ILE A 283 9.32 -29.67 23.28
C ILE A 283 8.96 -28.69 22.18
N ILE A 284 8.99 -29.15 20.92
CA ILE A 284 8.68 -28.27 19.80
C ILE A 284 7.60 -28.94 18.96
N ILE A 285 6.48 -28.26 18.79
CA ILE A 285 5.39 -28.71 17.94
C ILE A 285 5.20 -27.65 16.87
N MET A 286 5.74 -27.90 15.68
CA MET A 286 5.70 -26.94 14.59
C MET A 286 4.92 -27.53 13.42
N SER A 287 4.43 -26.65 12.56
CA SER A 287 3.56 -27.06 11.45
C SER A 287 4.21 -26.59 10.16
N ILE A 288 5.04 -27.44 9.57
CA ILE A 288 5.80 -27.08 8.39
C ILE A 288 4.93 -27.21 7.16
N HIS A 289 5.18 -26.37 6.16
CA HIS A 289 4.58 -26.51 4.84
C HIS A 289 5.64 -27.00 3.88
N GLN A 290 5.53 -28.27 3.46
CA GLN A 290 6.35 -28.94 2.45
C GLN A 290 7.85 -28.82 2.73
N PRO A 291 8.37 -29.57 3.70
CA PRO A 291 9.78 -29.45 4.06
C PRO A 291 10.71 -29.99 2.98
N SER A 292 11.98 -29.64 3.12
CA SER A 292 13.00 -30.01 2.15
C SER A 292 13.54 -31.41 2.47
N HIS A 293 14.69 -31.73 1.89
CA HIS A 293 15.32 -33.03 2.07
C HIS A 293 16.39 -33.03 3.16
N ARG A 294 17.14 -31.94 3.30
CA ARG A 294 18.17 -31.88 4.32
C ARG A 294 17.61 -31.55 5.70
N VAL A 295 16.32 -31.26 5.79
CA VAL A 295 15.68 -30.91 7.05
C VAL A 295 15.17 -32.12 7.82
N LEU A 296 14.99 -33.26 7.16
CA LEU A 296 14.46 -34.45 7.82
C LEU A 296 15.51 -35.23 8.59
N SER A 297 16.73 -34.70 8.68
CA SER A 297 17.69 -35.13 9.68
C SER A 297 17.38 -34.56 11.06
N LEU A 298 16.39 -33.68 11.16
CA LEU A 298 16.07 -32.96 12.38
C LEU A 298 14.70 -33.29 12.94
N LEU A 299 13.72 -33.58 12.08
CA LEU A 299 12.37 -33.92 12.54
C LEU A 299 12.35 -35.35 13.04
N ASP A 300 11.82 -35.55 14.25
CA ASP A 300 11.85 -36.85 14.90
C ASP A 300 10.49 -37.52 14.98
N ARG A 301 9.42 -36.79 14.70
CA ARG A 301 8.08 -37.37 14.72
C ARG A 301 7.20 -36.53 13.81
N LEU A 302 6.37 -37.20 13.00
CA LEU A 302 5.51 -36.54 12.03
C LEU A 302 4.05 -36.84 12.33
N ILE A 303 3.17 -35.93 11.90
CA ILE A 303 1.73 -36.14 11.86
C ILE A 303 1.22 -35.53 10.57
N PHE A 304 0.50 -36.32 9.76
CA PHE A 304 -0.12 -35.85 8.53
C PHE A 304 -1.62 -35.72 8.74
N LEU A 305 -2.20 -34.64 8.25
CA LEU A 305 -3.62 -34.39 8.45
C LEU A 305 -4.32 -34.23 7.11
N SER A 306 -5.54 -34.78 7.04
CA SER A 306 -6.43 -34.65 5.89
C SER A 306 -7.79 -34.24 6.40
N ARG A 307 -8.05 -32.92 6.41
CA ARG A 307 -9.31 -32.31 6.80
C ARG A 307 -9.73 -32.69 8.22
N GLY A 308 -8.76 -32.70 9.13
CA GLY A 308 -9.04 -33.01 10.51
C GLY A 308 -8.96 -34.47 10.87
N HIS A 309 -8.28 -35.29 10.07
CA HIS A 309 -8.11 -36.70 10.35
C HIS A 309 -6.64 -37.04 10.20
N THR A 310 -6.08 -37.75 11.17
CA THR A 310 -4.69 -38.17 11.09
C THR A 310 -4.53 -39.26 10.05
N VAL A 311 -3.42 -39.20 9.31
CA VAL A 311 -3.16 -40.09 8.18
C VAL A 311 -1.90 -40.91 8.39
N PHE A 312 -0.78 -40.24 8.63
CA PHE A 312 0.44 -40.91 9.04
C PHE A 312 0.98 -40.23 10.29
N SER A 313 1.38 -41.03 11.27
CA SER A 313 1.84 -40.52 12.56
C SER A 313 2.99 -41.40 13.02
N GLY A 314 4.21 -40.91 12.85
CA GLY A 314 5.37 -41.65 13.29
C GLY A 314 6.65 -40.97 12.83
N SER A 315 7.75 -41.71 12.96
CA SER A 315 9.05 -41.21 12.61
C SER A 315 9.17 -41.04 11.10
N PRO A 316 10.08 -40.17 10.64
CA PRO A 316 10.36 -40.11 9.20
C PRO A 316 11.11 -41.32 8.67
N ALA A 317 11.76 -42.10 9.53
CA ALA A 317 12.39 -43.34 9.08
C ALA A 317 11.35 -44.41 8.77
N SER A 318 10.20 -44.35 9.43
CA SER A 318 9.11 -45.30 9.19
C SER A 318 8.20 -44.86 8.06
N LEU A 319 8.50 -43.74 7.42
CA LEU A 319 7.71 -43.19 6.34
C LEU A 319 7.86 -43.97 5.02
N PRO A 320 9.04 -44.52 4.67
CA PRO A 320 9.02 -45.53 3.59
C PRO A 320 8.26 -46.79 3.94
N SER A 321 8.40 -47.31 5.16
CA SER A 321 7.80 -48.59 5.52
C SER A 321 6.28 -48.50 5.72
N PHE A 322 5.74 -47.30 5.92
CA PHE A 322 4.30 -47.13 6.06
C PHE A 322 3.60 -47.14 4.72
N PHE A 323 4.09 -46.32 3.79
CA PHE A 323 3.43 -46.17 2.50
C PHE A 323 3.58 -47.41 1.62
N ALA A 324 4.68 -48.15 1.79
CA ALA A 324 4.85 -49.40 1.08
C ALA A 324 3.84 -50.44 1.52
N GLY A 325 3.54 -50.50 2.83
CA GLY A 325 2.52 -51.40 3.33
C GLY A 325 1.09 -50.94 3.11
N PHE A 326 0.89 -49.72 2.63
CA PHE A 326 -0.45 -49.25 2.30
C PHE A 326 -0.86 -49.62 0.89
N GLY A 327 0.08 -49.65 -0.03
CA GLY A 327 -0.22 -50.00 -1.41
C GLY A 327 0.37 -49.02 -2.40
N ASN A 328 1.23 -48.14 -1.91
CA ASN A 328 1.89 -47.13 -2.74
C ASN A 328 3.34 -47.01 -2.30
N PRO A 329 4.23 -47.82 -2.89
CA PRO A 329 5.64 -47.81 -2.47
C PRO A 329 6.34 -46.51 -2.85
N ILE A 330 7.51 -46.33 -2.25
CA ILE A 330 8.22 -45.06 -2.28
C ILE A 330 9.40 -45.15 -3.23
N PRO A 331 9.62 -44.13 -4.07
CA PRO A 331 10.81 -44.13 -4.93
C PRO A 331 12.03 -43.66 -4.16
N GLU A 332 13.13 -44.40 -4.26
CA GLU A 332 14.38 -44.01 -3.65
C GLU A 332 15.10 -42.98 -4.50
N ASN A 333 16.16 -42.39 -3.91
CA ASN A 333 16.90 -41.26 -4.49
C ASN A 333 15.97 -40.10 -4.81
N GLU A 334 15.01 -39.85 -3.92
CA GLU A 334 13.93 -38.92 -4.17
C GLU A 334 13.41 -38.47 -2.81
N ASN A 335 12.87 -37.26 -2.77
CA ASN A 335 12.55 -36.63 -1.50
C ASN A 335 11.32 -37.26 -0.86
N GLN A 336 11.52 -37.89 0.28
CA GLN A 336 10.41 -38.29 1.12
C GLN A 336 9.78 -37.06 1.75
N THR A 337 8.58 -37.24 2.32
CA THR A 337 7.72 -36.22 2.93
C THR A 337 7.27 -35.15 1.93
N GLU A 338 7.54 -35.35 0.65
CA GLU A 338 7.00 -34.62 -0.49
C GLU A 338 6.25 -35.54 -1.43
N PHE A 339 6.84 -36.71 -1.73
CA PHE A 339 6.10 -37.79 -2.38
C PHE A 339 4.93 -38.23 -1.52
N ALA A 340 5.17 -38.41 -0.22
CA ALA A 340 4.13 -38.88 0.69
C ALA A 340 3.11 -37.81 1.01
N LEU A 341 3.32 -36.57 0.59
CA LEU A 341 2.39 -35.49 0.84
C LEU A 341 1.59 -35.09 -0.40
N ASP A 342 2.18 -35.17 -1.60
CA ASP A 342 1.38 -34.97 -2.79
C ASP A 342 0.46 -36.15 -3.09
N LEU A 343 0.81 -37.33 -2.58
CA LEU A 343 -0.10 -38.48 -2.66
C LEU A 343 -1.33 -38.26 -1.81
N ILE A 344 -1.20 -37.49 -0.73
CA ILE A 344 -2.35 -37.08 0.07
C ILE A 344 -3.26 -36.15 -0.74
N ARG A 345 -2.65 -35.22 -1.47
CA ARG A 345 -3.42 -34.29 -2.30
C ARG A 345 -4.04 -34.98 -3.51
N GLU A 346 -3.45 -36.08 -3.97
CA GLU A 346 -4.04 -36.86 -5.06
C GLU A 346 -5.33 -37.54 -4.61
N LEU A 347 -5.40 -37.98 -3.36
CA LEU A 347 -6.59 -38.61 -2.81
C LEU A 347 -7.63 -37.60 -2.33
N GLU A 348 -7.48 -36.33 -2.68
CA GLU A 348 -8.51 -35.31 -2.48
C GLU A 348 -9.40 -35.18 -3.72
N GLY A 349 -9.58 -36.26 -4.48
CA GLY A 349 -10.38 -36.26 -5.67
C GLY A 349 -11.85 -36.48 -5.41
N SER A 350 -12.57 -36.80 -6.49
CA SER A 350 -14.02 -36.94 -6.41
C SER A 350 -14.46 -38.24 -5.74
N ALA A 351 -13.72 -39.32 -5.96
CA ALA A 351 -14.07 -40.60 -5.37
C ALA A 351 -12.90 -41.33 -4.74
N GLY A 352 -11.70 -40.75 -4.74
CA GLY A 352 -10.55 -41.39 -4.12
C GLY A 352 -10.67 -41.43 -2.62
N GLY A 353 -10.57 -40.26 -1.99
CA GLY A 353 -10.80 -40.16 -0.56
C GLY A 353 -9.60 -40.58 0.28
N THR A 354 -9.29 -39.79 1.30
CA THR A 354 -8.29 -40.18 2.28
C THR A 354 -8.88 -41.01 3.40
N ARG A 355 -10.16 -41.38 3.29
CA ARG A 355 -10.80 -42.25 4.26
C ARG A 355 -10.28 -43.69 4.16
N GLY A 356 -9.67 -44.06 3.03
CA GLY A 356 -8.94 -45.31 2.96
C GLY A 356 -7.61 -45.32 3.67
N LEU A 357 -7.17 -44.16 4.19
CA LEU A 357 -5.96 -44.06 4.99
C LEU A 357 -6.21 -43.92 6.48
N VAL A 358 -7.41 -43.52 6.90
CA VAL A 358 -7.60 -43.16 8.30
C VAL A 358 -7.76 -44.40 9.20
N GLU A 359 -8.27 -45.51 8.67
CA GLU A 359 -8.34 -46.73 9.46
C GLU A 359 -7.13 -47.62 9.30
N PHE A 360 -6.37 -47.50 8.20
CA PHE A 360 -5.06 -48.10 8.14
C PHE A 360 -4.10 -47.41 9.11
N ASN A 361 -4.32 -46.12 9.36
CA ASN A 361 -3.60 -45.43 10.43
C ASN A 361 -4.00 -45.97 11.80
N LYS A 362 -5.23 -46.50 11.93
CA LYS A 362 -5.64 -47.09 13.19
C LYS A 362 -5.07 -48.49 13.40
N LYS A 363 -4.78 -49.21 12.31
CA LYS A 363 -4.19 -50.54 12.45
C LYS A 363 -2.66 -50.51 12.50
N TRP A 364 -2.04 -49.46 11.94
CA TRP A 364 -0.59 -49.38 11.98
C TRP A 364 -0.09 -49.04 13.38
N GLN A 365 -0.89 -48.32 14.17
CA GLN A 365 -0.49 -48.00 15.54
C GLN A 365 -0.55 -49.22 16.45
N GLU A 366 -1.37 -50.21 16.09
CA GLU A 366 -1.54 -51.40 16.91
C GLU A 366 -0.34 -52.34 16.84
N MET A 367 0.40 -52.34 15.73
CA MET A 367 1.43 -53.32 15.47
C MET A 367 2.79 -52.94 16.05
N LYS A 368 2.91 -51.78 16.69
CA LYS A 368 4.20 -51.29 17.13
C LYS A 368 4.24 -51.08 18.64
N LYS A 369 3.48 -51.88 19.38
CA LYS A 369 3.46 -51.87 20.84
C LYS A 369 4.36 -52.96 21.42
N GLN A 370 5.49 -53.21 20.76
CA GLN A 370 6.37 -54.34 21.07
C GLN A 370 7.05 -54.23 22.42
N SER A 371 7.15 -53.00 22.97
CA SER A 371 7.76 -52.70 24.28
C SER A 371 9.19 -53.20 24.42
N LEU A 386 5.43 -37.46 36.56
CA LEU A 386 6.06 -37.78 37.85
C LEU A 386 6.21 -36.48 38.62
N THR A 387 5.06 -35.95 39.08
CA THR A 387 4.96 -34.68 39.81
C THR A 387 5.54 -33.54 38.96
N LEU A 388 4.75 -33.18 37.94
CA LEU A 388 5.07 -32.15 36.95
C LEU A 388 5.64 -30.86 37.55
N LYS A 389 5.13 -30.41 38.69
CA LYS A 389 5.54 -29.12 39.21
C LYS A 389 6.88 -29.16 39.94
N GLU A 390 7.42 -30.34 40.24
CA GLU A 390 8.83 -30.43 40.57
C GLU A 390 9.67 -30.83 39.36
N ALA A 391 9.05 -31.36 38.31
CA ALA A 391 9.76 -31.53 37.05
C ALA A 391 9.99 -30.19 36.38
N ILE A 392 9.02 -29.27 36.49
CA ILE A 392 9.25 -27.88 36.08
C ILE A 392 10.33 -27.26 36.97
N SER A 393 10.23 -27.49 38.29
CA SER A 393 11.18 -26.91 39.24
C SER A 393 12.58 -27.46 39.05
N ALA A 394 12.69 -28.71 38.60
CA ALA A 394 14.00 -29.23 38.19
C ALA A 394 14.44 -28.64 36.86
N SER A 395 13.49 -28.31 35.97
CA SER A 395 13.83 -27.73 34.69
C SER A 395 14.01 -26.22 34.75
N ILE A 396 13.70 -25.59 35.88
CA ILE A 396 14.14 -24.21 36.09
C ILE A 396 15.61 -24.20 36.47
N SER A 397 16.02 -25.12 37.35
CA SER A 397 17.41 -25.17 37.79
C SER A 397 18.34 -25.70 36.70
N ARG A 398 17.81 -26.32 35.64
CA ARG A 398 18.64 -26.64 34.49
C ARG A 398 19.06 -25.38 33.74
N GLY A 399 18.23 -24.34 33.79
CA GLY A 399 18.58 -23.07 33.18
C GLY A 399 17.47 -22.53 32.29
N LYS A 400 16.34 -23.22 32.26
CA LYS A 400 15.19 -22.78 31.49
C LYS A 400 14.23 -22.04 32.41
N LEU A 401 13.16 -21.51 31.80
CA LEU A 401 12.07 -20.78 32.47
C LEU A 401 12.60 -19.60 33.29
N VAL A 402 13.19 -18.64 32.57
CA VAL A 402 13.71 -17.45 33.22
C VAL A 402 12.58 -16.61 33.80
N SER A 403 11.42 -16.62 33.15
CA SER A 403 10.22 -15.93 33.63
C SER A 403 9.66 -16.59 34.88
N PRO A 422 3.13 -13.33 38.03
CA PRO A 422 2.74 -11.94 37.74
C PRO A 422 2.02 -11.80 36.41
N ALA A 423 1.01 -10.94 36.37
CA ALA A 423 0.28 -10.72 35.12
C ALA A 423 1.17 -10.01 34.10
N PHE A 424 1.79 -8.90 34.51
CA PHE A 424 2.81 -8.24 33.72
C PHE A 424 4.09 -8.19 34.53
N ALA A 425 5.23 -8.22 33.85
CA ALA A 425 6.52 -8.28 34.51
C ALA A 425 7.03 -6.93 34.95
N ASN A 426 6.25 -5.87 34.77
CA ASN A 426 6.66 -4.52 35.08
C ASN A 426 5.43 -3.75 35.54
N PRO A 427 5.59 -2.75 36.40
CA PRO A 427 4.50 -1.80 36.62
C PRO A 427 4.42 -0.86 35.43
N PHE A 428 3.35 -0.07 35.39
CA PHE A 428 3.06 0.66 34.17
C PHE A 428 3.93 1.90 33.98
N TRP A 429 4.83 2.21 34.89
CA TRP A 429 5.73 3.34 34.70
C TRP A 429 7.12 2.92 34.21
N ILE A 430 7.38 1.63 34.03
CA ILE A 430 8.56 1.18 33.33
C ILE A 430 8.23 0.63 31.94
N GLU A 431 7.00 0.17 31.72
CA GLU A 431 6.56 -0.12 30.38
C GLU A 431 6.39 1.14 29.54
N ILE A 432 6.19 2.30 30.18
CA ILE A 432 6.07 3.53 29.41
C ILE A 432 7.45 4.03 28.97
N LYS A 433 8.46 3.93 29.82
CA LYS A 433 9.78 4.38 29.39
C LYS A 433 10.53 3.35 28.57
N THR A 434 10.08 2.09 28.55
CA THR A 434 10.65 1.11 27.62
C THR A 434 10.07 1.26 26.23
N LEU A 435 8.79 1.57 26.15
CA LEU A 435 8.14 1.83 24.88
C LEU A 435 8.47 3.20 24.32
N THR A 436 8.86 4.15 25.18
CA THR A 436 9.32 5.45 24.70
C THR A 436 10.73 5.36 24.14
N ARG A 437 11.63 4.68 24.87
CA ARG A 437 13.00 4.49 24.42
C ARG A 437 13.08 3.64 23.16
N ARG A 438 12.11 2.77 22.95
CA ARG A 438 12.08 1.94 21.74
C ARG A 438 11.62 2.74 20.53
N SER A 439 10.86 3.81 20.72
CA SER A 439 10.32 4.57 19.61
C SER A 439 10.98 5.93 19.41
N ILE A 440 11.74 6.43 20.37
CA ILE A 440 12.63 7.55 20.11
C ILE A 440 14.00 7.06 19.67
N LEU A 441 14.18 5.76 19.49
CA LEU A 441 15.37 5.17 18.89
C LEU A 441 15.10 4.57 17.53
N ASN A 442 13.86 4.12 17.31
CA ASN A 442 13.45 3.72 15.97
C ASN A 442 13.21 4.94 15.08
N SER A 443 12.90 6.09 15.67
CA SER A 443 12.63 7.28 14.88
C SER A 443 13.86 8.16 14.67
N ARG A 444 14.88 8.09 15.54
CA ARG A 444 16.15 8.72 15.23
C ARG A 444 16.83 8.06 14.04
N ARG A 445 16.73 6.74 13.91
CA ARG A 445 17.46 6.02 12.89
C ARG A 445 16.77 6.04 11.54
N GLN A 446 15.66 6.76 11.40
CA GLN A 446 15.11 7.12 10.10
C GLN A 446 14.53 8.52 10.19
N PRO A 447 15.38 9.55 10.08
CA PRO A 447 14.86 10.92 10.15
C PRO A 447 14.40 11.44 8.80
N GLU A 448 13.68 10.61 8.04
CA GLU A 448 12.95 11.06 6.87
C GLU A 448 11.46 10.92 7.08
N LEU A 449 11.04 10.56 8.29
CA LEU A 449 9.66 10.68 8.70
C LEU A 449 9.37 12.07 9.25
N LEU A 450 10.31 12.62 10.01
CA LEU A 450 10.31 14.06 10.33
C LEU A 450 11.17 14.83 9.33
N GLY A 451 10.96 14.55 8.06
CA GLY A 451 11.48 15.35 6.98
C GLY A 451 10.48 15.32 5.86
N MET A 452 9.36 14.69 6.14
CA MET A 452 8.21 14.68 5.25
C MET A 452 6.98 15.27 5.92
N ARG A 453 6.90 15.18 7.24
CA ARG A 453 5.95 15.95 8.01
C ARG A 453 6.47 17.34 8.30
N LEU A 454 7.73 17.62 8.00
CA LEU A 454 8.31 18.94 8.14
C LEU A 454 8.55 19.64 6.81
N ALA A 455 8.56 18.90 5.72
CA ALA A 455 8.57 19.50 4.40
C ALA A 455 7.18 19.63 3.82
N THR A 456 6.14 19.45 4.63
CA THR A 456 4.80 19.88 4.28
C THR A 456 4.29 20.92 5.27
N VAL A 457 5.14 21.34 6.20
CA VAL A 457 4.83 22.41 7.13
C VAL A 457 5.69 23.64 6.85
N ILE A 458 6.96 23.44 6.53
CA ILE A 458 7.78 24.52 6.02
C ILE A 458 7.33 24.92 4.63
N VAL A 459 6.94 23.96 3.79
CA VAL A 459 6.52 24.28 2.43
C VAL A 459 5.15 24.94 2.43
N THR A 460 4.20 24.42 3.21
CA THR A 460 2.90 25.07 3.32
C THR A 460 3.01 26.37 4.12
N GLY A 461 3.95 26.44 5.06
CA GLY A 461 4.16 27.68 5.77
C GLY A 461 4.81 28.74 4.91
N PHE A 462 5.66 28.34 3.98
CA PHE A 462 6.24 29.31 3.07
C PHE A 462 5.25 29.76 2.00
N ILE A 463 4.38 28.85 1.55
CA ILE A 463 3.38 29.23 0.56
C ILE A 463 2.33 30.13 1.17
N LEU A 464 1.80 29.76 2.34
CA LEU A 464 0.74 30.55 2.97
C LEU A 464 1.23 31.91 3.44
N ALA A 465 2.51 32.05 3.75
CA ALA A 465 3.03 33.32 4.22
C ALA A 465 3.46 34.23 3.10
N THR A 466 3.54 33.75 1.87
CA THR A 466 3.87 34.60 0.74
C THR A 466 2.67 34.93 -0.13
N VAL A 467 1.64 34.08 -0.16
CA VAL A 467 0.37 34.48 -0.75
C VAL A 467 -0.30 35.53 0.12
N PHE A 468 -0.48 35.22 1.40
CA PHE A 468 -1.09 36.13 2.34
C PHE A 468 -0.06 37.00 3.02
N TRP A 469 0.80 37.63 2.23
CA TRP A 469 1.90 38.42 2.77
C TRP A 469 1.36 39.78 3.17
N ARG A 470 1.38 40.06 4.48
CA ARG A 470 1.15 41.38 5.06
C ARG A 470 -0.22 41.93 4.70
N LEU A 471 -1.25 41.23 5.16
CA LEU A 471 -2.62 41.58 4.82
C LEU A 471 -3.01 42.89 5.49
N ASP A 472 -3.77 43.70 4.77
CA ASP A 472 -4.15 45.02 5.25
C ASP A 472 -5.46 44.98 6.01
N ASN A 473 -5.84 46.11 6.60
CA ASN A 473 -7.12 46.26 7.28
C ASN A 473 -8.13 46.78 6.26
N SER A 474 -8.57 45.86 5.41
CA SER A 474 -9.47 46.12 4.31
C SER A 474 -10.63 45.16 4.44
N PRO A 475 -11.77 45.44 3.81
CA PRO A 475 -12.84 44.44 3.77
C PRO A 475 -12.47 43.16 3.04
N LYS A 476 -11.52 43.22 2.10
CA LYS A 476 -11.04 42.01 1.46
C LYS A 476 -9.94 41.34 2.27
N GLY A 477 -9.14 42.11 3.00
CA GLY A 477 -8.12 41.55 3.85
C GLY A 477 -8.65 40.90 5.10
N VAL A 478 -9.89 41.23 5.49
CA VAL A 478 -10.55 40.50 6.56
C VAL A 478 -11.00 39.13 6.09
N GLN A 479 -11.58 39.06 4.89
CA GLN A 479 -11.99 37.79 4.32
C GLN A 479 -10.79 36.94 3.90
N GLU A 480 -9.63 37.55 3.72
CA GLU A 480 -8.42 36.77 3.46
C GLU A 480 -7.80 36.25 4.72
N ARG A 481 -8.11 36.84 5.88
CA ARG A 481 -7.64 36.28 7.13
C ARG A 481 -8.42 35.04 7.50
N LEU A 482 -9.74 35.05 7.29
CA LEU A 482 -10.54 33.87 7.53
C LEU A 482 -10.19 32.75 6.57
N GLY A 483 -9.75 33.09 5.36
CA GLY A 483 -9.28 32.08 4.44
C GLY A 483 -7.88 31.61 4.74
N PHE A 484 -7.05 32.46 5.33
CA PHE A 484 -5.75 32.00 5.80
C PHE A 484 -5.91 31.09 7.01
N PHE A 485 -6.73 31.49 7.98
CA PHE A 485 -6.90 30.74 9.21
C PHE A 485 -7.63 29.43 9.01
N ALA A 486 -8.39 29.28 7.93
CA ALA A 486 -9.04 28.00 7.69
C ALA A 486 -8.17 27.05 6.89
N PHE A 487 -7.28 27.57 6.07
CA PHE A 487 -6.32 26.75 5.38
C PHE A 487 -5.14 26.41 6.27
N ALA A 488 -4.76 27.33 7.16
CA ALA A 488 -3.69 27.03 8.11
C ALA A 488 -4.14 25.96 9.09
N MET A 489 -5.30 26.14 9.73
CA MET A 489 -5.75 25.21 10.76
C MET A 489 -6.26 23.90 10.21
N SER A 490 -6.26 23.69 8.90
CA SER A 490 -6.51 22.38 8.32
C SER A 490 -5.23 21.67 7.92
N THR A 491 -4.12 22.41 7.80
CA THR A 491 -2.82 21.81 7.59
C THR A 491 -2.40 20.95 8.77
N MET A 492 -2.81 21.34 9.98
CA MET A 492 -2.49 20.58 11.18
C MET A 492 -3.12 19.22 11.19
N PHE A 493 -4.25 19.04 10.51
CA PHE A 493 -4.97 17.79 10.51
C PHE A 493 -4.58 16.91 9.33
N TYR A 494 -4.09 17.49 8.25
CA TYR A 494 -3.60 16.71 7.11
C TYR A 494 -2.16 16.27 7.30
N THR A 495 -1.31 17.12 7.89
CA THR A 495 0.10 16.77 8.09
C THR A 495 0.25 15.51 8.93
N CYS A 496 -0.61 15.37 9.93
CA CYS A 496 -0.60 14.18 10.77
C CYS A 496 -1.24 12.98 10.11
N ALA A 497 -1.91 13.14 8.96
CA ALA A 497 -2.42 12.01 8.22
C ALA A 497 -1.34 11.23 7.50
N ASP A 498 -0.15 11.80 7.33
CA ASP A 498 0.99 11.07 6.80
C ASP A 498 1.76 10.37 7.90
N ALA A 499 1.02 9.66 8.74
CA ALA A 499 1.56 8.72 9.70
C ALA A 499 0.75 7.45 9.73
N LEU A 500 -0.28 7.34 8.90
CA LEU A 500 -0.98 6.08 8.74
C LEU A 500 -0.12 4.91 8.23
N PRO A 501 0.97 5.11 7.47
CA PRO A 501 1.91 3.98 7.32
C PRO A 501 2.51 3.49 8.62
N VAL A 502 2.98 4.39 9.48
CA VAL A 502 3.69 3.94 10.67
C VAL A 502 2.72 3.65 11.81
N PHE A 503 1.51 4.21 11.79
CA PHE A 503 0.55 3.89 12.85
C PHE A 503 -0.09 2.52 12.66
N LEU A 504 -0.14 2.03 11.43
CA LEU A 504 -0.56 0.66 11.16
C LEU A 504 0.63 -0.27 11.00
N GLN A 505 1.84 0.21 11.27
CA GLN A 505 3.01 -0.64 11.28
C GLN A 505 3.17 -1.29 12.64
N GLU A 506 3.14 -0.49 13.70
CA GLU A 506 2.74 -1.02 14.99
C GLU A 506 1.22 -1.11 15.01
N ARG A 507 0.69 -1.68 16.10
CA ARG A 507 -0.64 -2.26 16.34
C ARG A 507 -0.82 -3.56 15.55
N TYR A 508 0.15 -3.91 14.71
CA TYR A 508 0.40 -5.28 14.33
C TYR A 508 1.57 -5.87 15.09
N ILE A 509 2.47 -5.01 15.58
CA ILE A 509 3.47 -5.39 16.55
C ILE A 509 2.93 -5.31 17.98
N PHE A 510 1.94 -4.47 18.23
CA PHE A 510 1.30 -4.43 19.54
C PHE A 510 0.42 -5.65 19.75
N MET A 511 -0.30 -6.07 18.70
CA MET A 511 -1.16 -7.23 18.80
C MET A 511 -0.36 -8.52 18.94
N ARG A 512 0.89 -8.53 18.51
CA ARG A 512 1.76 -9.68 18.73
C ARG A 512 2.34 -9.67 20.13
N GLU A 513 2.72 -8.50 20.64
CA GLU A 513 3.40 -8.43 21.91
C GLU A 513 2.46 -8.40 23.11
N THR A 514 1.16 -8.23 22.90
CA THR A 514 0.22 -8.37 24.00
C THR A 514 -0.36 -9.76 24.13
N ALA A 515 -0.03 -10.67 23.23
CA ALA A 515 -0.33 -12.07 23.46
C ALA A 515 0.61 -12.68 24.49
N TYR A 516 1.80 -12.11 24.67
CA TYR A 516 2.75 -12.56 25.66
C TYR A 516 2.70 -11.75 26.94
N ASN A 517 1.77 -10.80 27.05
CA ASN A 517 1.65 -9.83 28.15
C ASN A 517 2.94 -9.05 28.36
N ALA A 518 3.47 -8.50 27.27
CA ALA A 518 4.69 -7.72 27.40
C ALA A 518 4.39 -6.35 28.00
N TYR A 519 3.31 -5.72 27.57
CA TYR A 519 2.91 -4.45 28.13
C TYR A 519 1.39 -4.34 28.10
N ARG A 520 0.86 -3.42 28.91
CA ARG A 520 -0.57 -3.20 28.93
C ARG A 520 -0.98 -2.35 27.74
N ARG A 521 -2.28 -2.40 27.43
CA ARG A 521 -2.77 -1.57 26.35
C ARG A 521 -2.97 -0.14 26.79
N SER A 522 -3.19 0.09 28.10
CA SER A 522 -3.20 1.44 28.63
C SER A 522 -1.82 2.06 28.56
N SER A 523 -0.80 1.27 28.89
CA SER A 523 0.59 1.70 28.82
C SER A 523 1.12 1.82 27.40
N TYR A 524 0.37 1.38 26.40
CA TYR A 524 0.81 1.54 25.02
C TYR A 524 0.27 2.83 24.42
N VAL A 525 -0.96 3.22 24.76
CA VAL A 525 -1.52 4.47 24.29
C VAL A 525 -0.82 5.66 24.94
N LEU A 526 -0.53 5.54 26.23
CA LEU A 526 0.15 6.62 26.94
C LEU A 526 1.59 6.78 26.51
N SER A 527 2.18 5.78 25.88
CA SER A 527 3.56 5.88 25.44
C SER A 527 3.65 6.31 23.99
N HIS A 528 2.61 6.05 23.23
CA HIS A 528 2.51 6.44 21.83
C HIS A 528 2.04 7.88 21.68
N ALA A 529 1.34 8.41 22.68
CA ALA A 529 1.00 9.82 22.71
C ALA A 529 2.17 10.67 23.15
N ILE A 530 3.04 10.13 24.00
CA ILE A 530 4.15 10.89 24.52
C ILE A 530 5.21 11.13 23.44
N VAL A 531 5.55 10.10 22.67
CA VAL A 531 6.70 10.25 21.77
C VAL A 531 6.39 11.06 20.52
N THR A 532 5.13 11.21 20.14
CA THR A 532 4.83 12.11 19.04
C THR A 532 4.92 13.56 19.43
N PHE A 533 4.79 13.86 20.70
CA PHE A 533 4.67 15.21 21.20
C PHE A 533 5.95 16.08 21.09
N PRO A 534 7.18 15.57 21.22
CA PRO A 534 8.33 16.43 20.89
C PRO A 534 8.50 16.69 19.40
N SER A 535 7.91 15.89 18.54
CA SER A 535 7.94 16.19 17.12
C SER A 535 6.77 17.05 16.69
N LEU A 536 5.77 17.22 17.55
CA LEU A 536 4.67 18.14 17.28
C LEU A 536 4.98 19.54 17.73
N ILE A 537 5.81 19.68 18.78
CA ILE A 537 6.22 21.01 19.21
C ILE A 537 7.12 21.66 18.18
N PHE A 538 7.93 20.87 17.48
CA PHE A 538 8.80 21.46 16.49
C PHE A 538 8.09 21.76 15.18
N LEU A 539 7.08 20.96 14.82
CA LEU A 539 6.26 21.31 13.67
C LEU A 539 5.35 22.49 13.96
N SER A 540 4.99 22.69 15.22
CA SER A 540 4.06 23.76 15.54
C SER A 540 4.74 25.11 15.65
N LEU A 541 6.02 25.17 15.96
CA LEU A 541 6.72 26.45 15.93
C LEU A 541 7.57 26.62 14.69
N ALA A 542 7.44 25.71 13.72
CA ALA A 542 7.94 25.94 12.38
C ALA A 542 6.87 26.51 11.48
N PHE A 543 5.61 26.23 11.78
CA PHE A 543 4.49 26.85 11.09
C PHE A 543 4.13 28.20 11.71
N ALA A 544 4.41 28.39 13.00
CA ALA A 544 4.06 29.63 13.67
C ALA A 544 5.15 30.68 13.61
N VAL A 545 6.39 30.29 13.30
CA VAL A 545 7.43 31.29 13.07
C VAL A 545 7.34 31.81 11.64
N THR A 546 7.01 30.92 10.70
CA THR A 546 6.90 31.30 9.30
C THR A 546 5.71 32.21 9.07
N THR A 547 4.51 31.74 9.38
CA THR A 547 3.26 32.45 9.13
C THR A 547 2.78 33.26 10.31
N PHE A 548 3.58 34.07 10.94
CA PHE A 548 2.98 35.02 11.87
C PHE A 548 3.44 36.43 11.59
N TRP A 549 4.71 36.63 11.32
CA TRP A 549 5.25 37.95 11.07
C TRP A 549 5.20 38.30 9.60
N ALA A 550 4.97 37.30 8.75
CA ALA A 550 4.82 37.51 7.33
C ALA A 550 3.38 37.82 6.97
N VAL A 551 2.44 37.03 7.46
CA VAL A 551 1.02 37.36 7.29
C VAL A 551 0.67 38.60 8.09
N GLY A 552 1.40 38.88 9.15
CA GLY A 552 1.20 40.09 9.91
C GLY A 552 0.06 39.92 10.87
N LEU A 553 0.07 38.83 11.61
CA LEU A 553 -1.04 38.54 12.50
C LEU A 553 -0.97 39.44 13.71
N GLU A 554 -2.11 39.60 14.37
CA GLU A 554 -2.25 40.57 15.45
C GLU A 554 -2.11 39.87 16.79
N GLY A 555 -1.57 40.61 17.75
CA GLY A 555 -1.43 40.13 19.10
C GLY A 555 -0.11 40.51 19.72
N GLY A 556 0.89 40.76 18.87
CA GLY A 556 2.20 41.08 19.37
C GLY A 556 2.98 39.87 19.77
N LEU A 557 3.16 39.66 21.06
CA LEU A 557 3.88 38.51 21.57
C LEU A 557 3.02 37.57 22.39
N MET A 558 2.07 38.09 23.17
CA MET A 558 1.11 37.23 23.83
C MET A 558 0.06 36.68 22.89
N GLY A 559 -0.05 37.26 21.69
CA GLY A 559 -0.84 36.69 20.62
C GLY A 559 -0.05 35.86 19.65
N PHE A 560 1.27 35.81 19.84
CA PHE A 560 2.11 34.83 19.15
C PHE A 560 2.17 33.54 19.92
N LEU A 561 2.21 33.61 21.25
CA LEU A 561 2.25 32.41 22.06
C LEU A 561 0.94 31.66 22.01
N PHE A 562 -0.19 32.37 21.86
CA PHE A 562 -1.44 31.66 21.65
C PHE A 562 -1.51 31.05 20.28
N TYR A 563 -0.92 31.70 19.27
CA TYR A 563 -0.84 31.10 17.95
C TYR A 563 0.03 29.86 17.96
N CYS A 564 1.12 29.85 18.73
CA CYS A 564 1.90 28.63 18.92
C CYS A 564 1.13 27.56 19.66
N LEU A 565 0.30 27.95 20.64
CA LEU A 565 -0.44 26.98 21.45
C LEU A 565 -1.52 26.28 20.65
N ILE A 566 -2.27 27.02 19.83
CA ILE A 566 -3.39 26.45 19.12
C ILE A 566 -2.95 25.74 17.84
N ILE A 567 -1.74 25.98 17.38
CA ILE A 567 -1.19 25.14 16.32
C ILE A 567 -0.79 23.80 16.88
N LEU A 568 -0.18 23.80 18.06
CA LEU A 568 0.24 22.57 18.71
C LEU A 568 -0.95 21.78 19.21
N ALA A 569 -2.02 22.44 19.63
CA ALA A 569 -3.21 21.73 20.06
C ALA A 569 -4.03 21.20 18.89
N SER A 570 -3.81 21.71 17.68
CA SER A 570 -4.46 21.15 16.50
C SER A 570 -3.63 20.07 15.86
N PHE A 571 -2.31 20.13 16.03
CA PHE A 571 -1.47 18.97 15.72
C PHE A 571 -1.76 17.83 16.66
N TRP A 572 -2.01 18.14 17.94
CA TRP A 572 -2.27 17.10 18.92
C TRP A 572 -3.65 16.50 18.73
N SER A 573 -4.62 17.29 18.31
CA SER A 573 -5.96 16.79 18.06
C SER A 573 -6.07 16.06 16.73
N GLY A 574 -5.23 16.38 15.77
CA GLY A 574 -5.30 15.76 14.47
C GLY A 574 -4.39 14.58 14.32
N SER A 575 -3.42 14.44 15.22
CA SER A 575 -2.66 13.20 15.32
C SER A 575 -3.31 12.21 16.24
N SER A 576 -4.20 12.66 17.13
CA SER A 576 -5.00 11.76 17.93
C SER A 576 -6.19 11.24 17.16
N PHE A 577 -6.71 12.00 16.20
CA PHE A 577 -7.83 11.53 15.40
C PHE A 577 -7.39 10.45 14.44
N VAL A 578 -6.20 10.58 13.85
CA VAL A 578 -5.75 9.59 12.88
C VAL A 578 -5.02 8.43 13.54
N THR A 579 -4.68 8.53 14.81
CA THR A 579 -4.29 7.34 15.55
C THR A 579 -5.50 6.59 16.08
N PHE A 580 -6.67 7.21 16.10
CA PHE A 580 -7.90 6.53 16.46
C PHE A 580 -8.48 5.79 15.27
N LEU A 581 -8.38 6.39 14.08
CA LEU A 581 -8.79 5.68 12.88
C LEU A 581 -7.85 4.53 12.57
N SER A 582 -6.56 4.71 12.78
CA SER A 582 -5.61 3.61 12.68
C SER A 582 -5.80 2.72 13.89
N GLY A 583 -6.76 1.82 13.78
CA GLY A 583 -7.30 1.14 14.94
C GLY A 583 -8.76 0.84 14.75
N VAL A 584 -9.37 1.43 13.71
CA VAL A 584 -10.65 0.99 13.19
C VAL A 584 -10.58 0.69 11.70
N VAL A 585 -9.44 0.91 11.04
CA VAL A 585 -9.30 0.60 9.62
C VAL A 585 -8.35 -0.58 9.44
N PRO A 586 -8.53 -1.41 8.41
CA PRO A 586 -7.60 -2.54 8.22
C PRO A 586 -6.33 -2.21 7.46
N HIS A 587 -6.34 -1.22 6.56
CA HIS A 587 -5.14 -0.92 5.79
C HIS A 587 -5.01 0.57 5.56
N VAL A 588 -3.87 0.97 5.00
CA VAL A 588 -3.48 2.37 4.93
C VAL A 588 -4.31 3.12 3.89
N MET A 589 -4.57 2.48 2.76
CA MET A 589 -5.21 3.16 1.63
C MET A 589 -6.70 3.42 1.89
N LEU A 590 -7.39 2.52 2.60
CA LEU A 590 -8.75 2.82 3.02
C LEU A 590 -8.75 3.88 4.11
N GLY A 591 -7.82 3.80 5.05
CA GLY A 591 -7.70 4.78 6.10
C GLY A 591 -6.90 6.01 5.69
N TYR A 592 -6.94 6.35 4.40
CA TYR A 592 -6.50 7.66 3.94
C TYR A 592 -7.55 8.33 3.09
N THR A 593 -8.32 7.60 2.29
CA THR A 593 -9.39 8.22 1.53
C THR A 593 -10.61 8.56 2.39
N ILE A 594 -10.67 8.07 3.63
CA ILE A 594 -11.65 8.53 4.59
C ILE A 594 -11.04 9.38 5.67
N VAL A 595 -9.75 9.64 5.62
CA VAL A 595 -9.16 10.69 6.44
C VAL A 595 -9.25 12.02 5.73
N VAL A 596 -8.98 12.04 4.42
CA VAL A 596 -9.16 13.24 3.62
C VAL A 596 -10.65 13.59 3.50
N ALA A 597 -11.52 12.59 3.50
CA ALA A 597 -12.94 12.85 3.33
C ALA A 597 -13.56 13.40 4.60
N ILE A 598 -13.11 12.97 5.77
CA ILE A 598 -13.66 13.47 7.01
C ILE A 598 -13.08 14.83 7.36
N LEU A 599 -11.79 15.02 7.14
CA LEU A 599 -11.17 16.31 7.42
C LEU A 599 -11.49 17.36 6.37
N ALA A 600 -12.21 17.02 5.31
CA ALA A 600 -12.81 18.00 4.43
C ALA A 600 -14.22 18.35 4.86
N TYR A 601 -14.96 17.40 5.44
CA TYR A 601 -16.25 17.72 6.03
C TYR A 601 -16.11 18.36 7.40
N PHE A 602 -14.96 18.23 8.04
CA PHE A 602 -14.70 19.01 9.24
C PHE A 602 -14.45 20.45 8.91
N LEU A 603 -13.83 20.72 7.75
CA LEU A 603 -13.53 22.06 7.30
C LEU A 603 -14.77 22.77 6.75
N LEU A 604 -15.65 22.02 6.08
CA LEU A 604 -16.91 22.58 5.61
C LEU A 604 -17.79 23.03 6.77
N PHE A 605 -17.74 22.33 7.89
CA PHE A 605 -18.54 22.65 9.06
C PHE A 605 -17.81 23.47 10.10
N SER A 606 -16.63 24.00 9.77
CA SER A 606 -15.88 24.80 10.73
C SER A 606 -16.49 26.17 10.96
N GLY A 607 -17.37 26.62 10.08
CA GLY A 607 -17.86 27.97 10.12
C GLY A 607 -17.20 28.89 9.13
N PHE A 608 -16.35 28.38 8.25
CA PHE A 608 -15.74 29.19 7.23
C PHE A 608 -16.56 29.20 5.96
N PHE A 609 -16.99 28.03 5.50
CA PHE A 609 -17.75 27.95 4.26
C PHE A 609 -19.18 28.42 4.47
N ILE A 610 -19.81 27.99 5.55
CA ILE A 610 -21.15 28.41 5.95
C ILE A 610 -21.11 28.66 7.45
N ASN A 611 -21.67 29.78 7.89
CA ASN A 611 -21.53 30.18 9.26
C ASN A 611 -22.41 29.34 10.17
N ARG A 612 -22.18 29.47 11.48
CA ARG A 612 -22.84 28.62 12.47
C ARG A 612 -24.35 28.86 12.51
N ASP A 613 -24.77 30.12 12.41
CA ASP A 613 -26.19 30.41 12.49
C ASP A 613 -26.87 30.33 11.14
N ARG A 614 -26.20 29.83 10.12
CA ARG A 614 -26.80 29.52 8.85
C ARG A 614 -26.79 28.03 8.53
N ILE A 615 -26.10 27.22 9.32
CA ILE A 615 -26.18 25.77 9.18
C ILE A 615 -27.57 25.30 9.61
N PRO A 616 -28.22 24.41 8.86
CA PRO A 616 -29.57 23.99 9.24
C PRO A 616 -29.59 23.22 10.54
N GLN A 617 -30.79 23.07 11.09
CA GLN A 617 -30.93 22.45 12.40
C GLN A 617 -30.60 20.96 12.40
N TYR A 618 -30.73 20.30 11.25
CA TYR A 618 -30.41 18.89 11.21
C TYR A 618 -28.93 18.63 11.00
N TRP A 619 -28.14 19.68 10.75
CA TRP A 619 -26.70 19.54 10.58
C TRP A 619 -25.92 20.24 11.67
N ILE A 620 -26.59 20.80 12.67
CA ILE A 620 -25.90 21.52 13.72
C ILE A 620 -25.21 20.58 14.70
N TRP A 621 -25.57 19.29 14.72
CA TRP A 621 -24.87 18.34 15.57
C TRP A 621 -23.47 18.07 15.06
N PHE A 622 -23.25 18.14 13.74
CA PHE A 622 -21.95 17.89 13.15
C PHE A 622 -21.12 19.16 13.04
N HIS A 623 -21.75 20.32 13.16
CA HIS A 623 -20.97 21.54 13.31
C HIS A 623 -20.21 21.53 14.63
N TYR A 624 -20.86 21.10 15.69
CA TYR A 624 -20.25 21.11 17.02
C TYR A 624 -19.29 19.96 17.22
N LEU A 625 -19.39 18.92 16.41
CA LEU A 625 -18.50 17.77 16.44
C LEU A 625 -17.33 17.92 15.48
N SER A 626 -17.13 19.11 14.93
CA SER A 626 -16.08 19.34 13.95
C SER A 626 -14.78 19.65 14.67
N LEU A 627 -13.70 19.00 14.24
CA LEU A 627 -12.41 19.21 14.88
C LEU A 627 -11.72 20.44 14.36
N VAL A 628 -12.12 20.97 13.21
CA VAL A 628 -11.52 22.20 12.68
C VAL A 628 -12.27 23.43 13.19
N LYS A 629 -13.48 23.26 13.74
CA LYS A 629 -14.27 24.39 14.22
C LYS A 629 -13.61 25.11 15.38
N TYR A 630 -13.06 24.37 16.31
CA TYR A 630 -12.54 24.94 17.55
C TYR A 630 -11.16 25.59 17.42
N PRO A 631 -10.20 25.07 16.64
CA PRO A 631 -9.00 25.88 16.41
C PRO A 631 -9.20 27.04 15.45
N TYR A 632 -10.09 26.92 14.46
CA TYR A 632 -10.35 28.04 13.56
C TYR A 632 -11.04 29.17 14.30
N GLU A 633 -11.96 28.86 15.21
CA GLU A 633 -12.57 29.91 15.99
C GLU A 633 -11.67 30.45 17.07
N ALA A 634 -10.55 29.78 17.36
CA ALA A 634 -9.65 30.28 18.38
C ALA A 634 -8.65 31.25 17.81
N VAL A 635 -8.22 31.05 16.56
CA VAL A 635 -7.34 32.02 15.93
C VAL A 635 -8.09 33.26 15.47
N LEU A 636 -9.41 33.17 15.30
CA LEU A 636 -10.18 34.36 14.94
C LEU A 636 -10.33 35.29 16.13
N GLN A 637 -10.63 34.76 17.31
CA GLN A 637 -10.71 35.61 18.49
C GLN A 637 -9.33 36.02 19.00
N ASN A 638 -8.28 35.33 18.59
CA ASN A 638 -6.94 35.79 18.88
C ASN A 638 -6.54 36.94 17.97
N GLU A 639 -7.04 36.95 16.73
CA GLU A 639 -6.73 38.00 15.78
C GLU A 639 -7.70 39.18 15.88
N PHE A 640 -8.99 38.90 15.80
CA PHE A 640 -10.01 39.94 15.83
C PHE A 640 -10.51 40.23 17.24
N SER A 641 -9.59 40.48 18.17
CA SER A 641 -9.96 41.06 19.46
C SER A 641 -8.86 42.05 19.81
N ASP A 642 -9.03 43.27 19.35
CA ASP A 642 -8.15 44.40 19.57
C ASP A 642 -9.00 45.65 19.39
N PRO A 643 -9.16 46.49 20.41
CA PRO A 643 -10.07 47.63 20.29
C PRO A 643 -9.50 48.78 19.49
N THR A 644 -8.19 48.80 19.24
CA THR A 644 -7.57 49.88 18.49
C THR A 644 -7.54 49.64 16.99
N GLU A 645 -7.49 48.38 16.57
CA GLU A 645 -7.45 48.06 15.15
C GLU A 645 -8.83 48.26 14.55
N CYS A 646 -8.89 48.94 13.40
CA CYS A 646 -10.14 49.31 12.77
C CYS A 646 -10.12 48.87 11.32
N PHE A 647 -11.19 48.21 10.89
CA PHE A 647 -11.25 47.69 9.54
C PHE A 647 -12.12 48.52 8.61
N VAL A 648 -12.97 49.40 9.14
CA VAL A 648 -13.74 50.35 8.35
C VAL A 648 -13.72 51.67 9.13
N ARG A 649 -13.24 52.74 8.49
CA ARG A 649 -13.03 54.03 9.16
C ARG A 649 -13.84 55.11 8.45
N GLY A 650 -15.09 55.29 8.86
CA GLY A 650 -15.84 56.49 8.57
C GLY A 650 -16.31 56.68 7.13
N VAL A 651 -15.38 56.96 6.24
CA VAL A 651 -15.67 57.09 4.82
C VAL A 651 -15.34 55.83 4.06
N GLN A 652 -15.01 54.76 4.76
CA GLN A 652 -14.96 53.42 4.19
C GLN A 652 -16.30 52.71 4.31
N LEU A 653 -17.35 53.43 4.76
CA LEU A 653 -18.69 52.87 4.81
C LEU A 653 -19.19 52.57 3.41
N PHE A 654 -18.99 53.49 2.47
CA PHE A 654 -19.35 53.30 1.07
C PHE A 654 -18.09 52.96 0.31
N ASP A 655 -17.80 51.65 0.20
CA ASP A 655 -16.71 51.19 -0.64
C ASP A 655 -17.17 50.27 -1.76
N ASN A 656 -17.92 49.22 -1.46
CA ASN A 656 -18.20 48.15 -2.41
C ASN A 656 -19.71 47.93 -2.54
N SER A 657 -20.42 49.02 -2.70
CA SER A 657 -21.82 49.08 -3.08
C SER A 657 -21.85 50.00 -4.29
N PRO A 658 -23.00 50.17 -4.95
CA PRO A 658 -23.13 51.29 -5.90
C PRO A 658 -22.79 52.65 -5.31
N LEU A 659 -23.07 52.86 -4.03
CA LEU A 659 -22.35 53.86 -3.25
C LEU A 659 -20.97 53.32 -2.93
N GLY A 660 -19.93 53.96 -3.46
CA GLY A 660 -18.59 53.41 -3.29
C GLY A 660 -17.68 53.64 -4.47
N GLU A 661 -18.22 54.17 -5.57
CA GLU A 661 -17.41 54.73 -6.64
C GLU A 661 -17.58 56.25 -6.68
N LEU A 662 -17.67 56.84 -5.49
CA LEU A 662 -17.84 58.27 -5.31
C LEU A 662 -16.48 58.94 -5.23
N THR A 663 -16.46 60.24 -4.95
CA THR A 663 -15.25 60.96 -4.64
C THR A 663 -15.26 61.33 -3.16
N TYR A 664 -14.07 61.55 -2.61
CA TYR A 664 -13.94 61.78 -1.17
C TYR A 664 -14.46 63.15 -0.77
N GLY A 665 -14.47 64.12 -1.69
CA GLY A 665 -14.77 65.49 -1.33
C GLY A 665 -16.21 65.70 -0.90
N MET A 666 -17.11 64.90 -1.47
CA MET A 666 -18.53 64.97 -1.13
C MET A 666 -18.93 63.90 -0.11
N LYS A 667 -18.05 62.91 0.12
CA LYS A 667 -18.35 61.80 1.01
C LYS A 667 -18.56 62.22 2.46
N LEU A 668 -17.97 63.36 2.86
CA LEU A 668 -18.15 63.84 4.23
C LEU A 668 -19.55 64.35 4.45
N ARG A 669 -20.09 65.11 3.49
CA ARG A 669 -21.49 65.52 3.56
C ARG A 669 -22.43 64.38 3.19
N LEU A 670 -21.93 63.36 2.49
CA LEU A 670 -22.67 62.11 2.40
C LEU A 670 -22.72 61.41 3.76
N LEU A 671 -21.70 61.61 4.57
CA LEU A 671 -21.64 61.05 5.92
C LEU A 671 -22.21 62.01 6.97
N ASP A 672 -22.15 63.32 6.72
CA ASP A 672 -22.81 64.28 7.60
C ASP A 672 -24.32 64.20 7.49
N SER A 673 -24.83 63.83 6.31
CA SER A 673 -26.26 63.65 6.15
C SER A 673 -26.76 62.42 6.89
N VAL A 674 -25.90 61.41 7.04
CA VAL A 674 -26.18 60.29 7.92
C VAL A 674 -26.28 60.75 9.36
N SER A 675 -25.37 61.63 9.78
CA SER A 675 -25.37 62.15 11.14
C SER A 675 -26.61 63.00 11.46
N ARG A 676 -27.24 63.59 10.45
CA ARG A 676 -28.49 64.31 10.61
C ARG A 676 -29.71 63.42 10.43
N SER A 677 -29.56 62.11 10.58
CA SER A 677 -30.67 61.17 10.43
C SER A 677 -30.84 60.21 11.59
N ILE A 678 -29.80 59.97 12.39
CA ILE A 678 -29.92 59.15 13.58
C ILE A 678 -29.84 59.98 14.86
N GLY A 679 -29.03 61.04 14.85
CA GLY A 679 -28.76 61.82 16.04
C GLY A 679 -27.33 61.73 16.51
N MET A 680 -26.54 60.82 15.93
CA MET A 680 -25.13 60.70 16.23
C MET A 680 -24.34 61.64 15.31
N ARG A 681 -23.01 61.63 15.45
CA ARG A 681 -22.15 62.47 14.62
C ARG A 681 -21.04 61.58 14.09
N ILE A 682 -21.04 61.34 12.78
CA ILE A 682 -20.11 60.43 12.14
C ILE A 682 -19.14 61.26 11.30
N SER A 683 -17.86 60.92 11.37
CA SER A 683 -16.83 61.63 10.63
C SER A 683 -15.89 60.60 10.02
N SER A 684 -14.77 61.07 9.47
CA SER A 684 -13.76 60.16 8.93
C SER A 684 -12.81 59.62 9.99
N SER A 685 -13.17 59.71 11.27
CA SER A 685 -12.42 59.16 12.38
C SER A 685 -13.34 58.51 13.38
N THR A 686 -14.33 57.77 12.88
CA THR A 686 -15.38 57.21 13.73
C THR A 686 -15.13 55.76 14.11
N CYS A 687 -14.44 55.00 13.25
CA CYS A 687 -14.06 53.59 13.47
C CYS A 687 -15.31 52.71 13.68
N LEU A 688 -16.06 52.58 12.59
CA LEU A 688 -17.30 51.81 12.59
C LEU A 688 -17.08 50.34 12.89
N THR A 689 -16.40 49.61 12.01
CA THR A 689 -16.22 48.18 12.15
C THR A 689 -14.88 47.90 12.82
N THR A 690 -14.93 47.44 14.06
CA THR A 690 -13.74 47.01 14.77
C THR A 690 -13.52 45.52 14.52
N GLY A 691 -12.63 44.90 15.29
CA GLY A 691 -12.48 43.46 15.23
C GLY A 691 -13.51 42.70 16.00
N ALA A 692 -14.19 43.34 16.95
CA ALA A 692 -15.25 42.68 17.69
C ALA A 692 -16.52 42.55 16.86
N ASP A 693 -16.66 43.34 15.81
CA ASP A 693 -17.81 43.25 14.91
C ASP A 693 -17.55 42.33 13.74
N VAL A 694 -16.29 41.98 13.48
CA VAL A 694 -15.99 40.94 12.50
C VAL A 694 -16.40 39.59 13.04
N LEU A 695 -16.24 39.38 14.35
CA LEU A 695 -16.61 38.11 14.95
C LEU A 695 -18.10 37.94 15.05
N LYS A 696 -18.85 39.03 15.28
CA LYS A 696 -20.30 38.92 15.30
C LYS A 696 -20.88 38.72 13.91
N GLN A 697 -20.17 39.13 12.86
CA GLN A 697 -20.62 38.86 11.50
C GLN A 697 -20.35 37.44 11.08
N GLN A 698 -19.40 36.76 11.72
CA GLN A 698 -19.11 35.37 11.42
C GLN A 698 -19.82 34.40 12.35
N GLY A 699 -20.46 34.90 13.41
CA GLY A 699 -21.05 34.02 14.38
C GLY A 699 -20.09 33.47 15.40
N VAL A 700 -18.85 33.95 15.42
CA VAL A 700 -17.85 33.42 16.35
C VAL A 700 -18.03 34.22 17.64
N THR A 701 -19.02 33.82 18.43
CA THR A 701 -19.37 34.53 19.65
C THR A 701 -19.71 33.60 20.81
N GLN A 702 -19.64 32.29 20.63
CA GLN A 702 -20.17 31.37 21.62
C GLN A 702 -19.16 30.96 22.67
N LEU A 703 -17.87 30.95 22.34
CA LEU A 703 -16.84 30.50 23.27
C LEU A 703 -15.66 31.44 23.20
N SER A 704 -14.92 31.52 24.29
CA SER A 704 -13.69 32.29 24.33
C SER A 704 -12.60 31.56 23.55
N LYS A 705 -11.45 32.21 23.40
CA LYS A 705 -10.39 31.53 22.68
C LYS A 705 -9.71 30.47 23.50
N TRP A 706 -9.78 30.56 24.83
CA TRP A 706 -9.22 29.52 25.67
C TRP A 706 -10.16 28.34 25.78
N ASN A 707 -11.47 28.57 25.78
CA ASN A 707 -12.41 27.46 25.73
C ASN A 707 -12.46 26.80 24.36
N CYS A 708 -12.02 27.50 23.32
CA CYS A 708 -11.82 26.86 22.03
C CYS A 708 -10.46 26.17 21.95
N LEU A 709 -9.52 26.54 22.82
CA LEU A 709 -8.29 25.78 22.97
C LEU A 709 -8.49 24.59 23.90
N LEU A 710 -9.43 24.66 24.84
CA LEU A 710 -9.70 23.51 25.71
C LEU A 710 -10.36 22.39 24.95
N ILE A 711 -11.32 22.71 24.09
CA ILE A 711 -12.04 21.68 23.35
C ILE A 711 -11.15 21.13 22.24
N THR A 712 -10.14 21.87 21.83
CA THR A 712 -9.19 21.32 20.87
C THR A 712 -8.31 20.26 21.51
N VAL A 713 -7.88 20.51 22.75
CA VAL A 713 -7.13 19.52 23.50
C VAL A 713 -8.05 18.40 23.97
N GLY A 714 -9.29 18.73 24.36
CA GLY A 714 -10.23 17.74 24.83
C GLY A 714 -10.77 16.81 23.75
N PHE A 715 -10.69 17.20 22.49
CA PHE A 715 -10.90 16.24 21.41
C PHE A 715 -9.65 15.43 21.10
N GLY A 716 -8.50 15.84 21.59
CA GLY A 716 -7.34 15.00 21.41
C GLY A 716 -7.40 13.85 22.37
N PHE A 717 -7.77 14.16 23.62
CA PHE A 717 -7.92 13.14 24.64
C PHE A 717 -9.13 12.25 24.43
N LEU A 718 -10.08 12.66 23.61
CA LEU A 718 -11.24 11.81 23.37
C LEU A 718 -10.92 10.69 22.40
N PHE A 719 -10.14 10.98 21.37
CA PHE A 719 -9.73 9.97 20.40
C PHE A 719 -8.52 9.19 20.85
N ARG A 720 -8.05 9.39 22.08
CA ARG A 720 -7.09 8.49 22.70
C ARG A 720 -7.71 7.65 23.78
N ILE A 721 -8.90 8.01 24.26
CA ILE A 721 -9.70 7.11 25.06
C ILE A 721 -10.54 6.23 24.16
N LEU A 722 -11.00 6.77 23.04
CA LEU A 722 -11.69 5.95 22.06
C LEU A 722 -10.73 5.05 21.29
N PHE A 723 -9.44 5.37 21.27
CA PHE A 723 -8.46 4.47 20.67
C PHE A 723 -8.20 3.29 21.59
N TYR A 724 -8.16 3.54 22.89
CA TYR A 724 -7.93 2.48 23.87
C TYR A 724 -9.09 1.50 23.90
N LEU A 725 -10.31 1.96 23.63
CA LEU A 725 -11.45 1.05 23.60
C LEU A 725 -11.46 0.21 22.33
N CYS A 726 -10.93 0.71 21.23
CA CYS A 726 -10.77 -0.10 20.03
C CYS A 726 -9.56 -1.01 20.09
N LEU A 727 -8.64 -0.81 21.04
CA LEU A 727 -7.67 -1.84 21.38
C LEU A 727 -8.26 -2.84 22.35
N LEU A 728 -9.30 -2.47 23.06
CA LEU A 728 -10.00 -3.38 23.95
C LEU A 728 -10.93 -4.32 23.19
N LEU A 729 -11.50 -3.87 22.08
CA LEU A 729 -12.38 -4.72 21.29
C LEU A 729 -11.60 -5.61 20.33
N GLY A 730 -10.81 -4.99 19.45
CA GLY A 730 -10.14 -5.70 18.37
C GLY A 730 -9.09 -6.70 18.82
N SER A 731 -8.62 -6.60 20.05
CA SER A 731 -7.68 -7.59 20.58
C SER A 731 -8.38 -8.71 21.33
N LYS A 732 -9.55 -8.43 21.93
CA LYS A 732 -10.33 -9.49 22.56
C LYS A 732 -11.03 -10.36 21.52
N ASN A 733 -11.20 -9.85 20.31
CA ASN A 733 -11.79 -10.61 19.21
C ASN A 733 -10.89 -11.76 18.77
N ARG B 67 12.44 -35.30 -34.69
CA ARG B 67 11.19 -34.94 -35.36
C ARG B 67 10.89 -33.41 -35.39
N PRO B 68 11.24 -32.63 -34.35
CA PRO B 68 11.31 -31.17 -34.56
C PRO B 68 12.53 -30.78 -35.37
N VAL B 69 12.59 -29.49 -35.69
CA VAL B 69 13.72 -28.92 -36.41
C VAL B 69 14.82 -28.59 -35.41
N PRO B 70 16.04 -29.10 -35.59
CA PRO B 70 17.07 -28.96 -34.55
C PRO B 70 17.70 -27.58 -34.57
N PHE B 71 17.68 -26.91 -33.42
CA PHE B 71 18.29 -25.60 -33.24
C PHE B 71 19.42 -25.71 -32.23
N VAL B 72 20.48 -24.94 -32.43
CA VAL B 72 21.65 -24.93 -31.57
C VAL B 72 21.99 -23.48 -31.25
N LEU B 73 21.64 -23.02 -30.06
CA LEU B 73 22.12 -21.74 -29.56
C LEU B 73 23.45 -21.99 -28.88
N SER B 74 24.45 -21.16 -29.18
CA SER B 74 25.78 -21.40 -28.62
C SER B 74 26.44 -20.05 -28.36
N PHE B 75 26.27 -19.54 -27.14
CA PHE B 75 26.88 -18.29 -26.76
C PHE B 75 28.33 -18.51 -26.35
N ASN B 76 29.18 -17.52 -26.62
CA ASN B 76 30.61 -17.67 -26.45
C ASN B 76 31.23 -16.35 -26.02
N ASN B 77 32.16 -16.44 -25.04
CA ASN B 77 33.10 -15.37 -24.69
C ASN B 77 32.41 -14.08 -24.24
N LEU B 78 31.28 -14.22 -23.55
CA LEU B 78 30.48 -13.07 -23.15
C LEU B 78 31.17 -12.30 -22.02
N THR B 79 31.41 -11.02 -22.26
CA THR B 79 32.00 -10.12 -21.28
C THR B 79 31.10 -8.90 -21.17
N TYR B 80 30.39 -8.78 -20.06
CA TYR B 80 29.49 -7.66 -19.82
C TYR B 80 30.09 -6.75 -18.75
N ASN B 81 30.32 -5.49 -19.10
CA ASN B 81 30.98 -4.53 -18.23
C ASN B 81 30.04 -3.37 -17.98
N VAL B 82 30.07 -2.84 -16.76
CA VAL B 82 29.29 -1.65 -16.43
C VAL B 82 29.97 -0.86 -15.31
N THR B 104 33.99 1.02 -14.07
CA THR B 104 33.50 -0.24 -14.63
C THR B 104 33.20 -1.24 -13.52
N LYS B 105 32.58 -2.35 -13.90
CA LYS B 105 32.26 -3.41 -12.95
C LYS B 105 32.76 -4.78 -13.39
N THR B 106 32.69 -5.09 -14.69
CA THR B 106 32.87 -6.42 -15.26
C THR B 106 31.96 -7.42 -14.54
N LEU B 107 30.66 -7.21 -14.77
CA LEU B 107 29.66 -8.00 -14.08
C LEU B 107 29.59 -9.43 -14.63
N LEU B 108 29.98 -9.62 -15.88
CA LEU B 108 30.10 -10.95 -16.48
C LEU B 108 31.45 -11.07 -17.17
N ASP B 109 32.06 -12.24 -17.07
CA ASP B 109 33.43 -12.42 -17.59
C ASP B 109 33.56 -13.82 -18.17
N ASN B 110 33.57 -13.90 -19.51
CA ASN B 110 33.93 -15.10 -20.29
C ASN B 110 33.02 -16.28 -19.97
N ILE B 111 31.75 -16.14 -20.32
CA ILE B 111 30.77 -17.21 -20.19
C ILE B 111 30.55 -17.79 -21.58
N SER B 112 30.80 -19.09 -21.73
CA SER B 112 30.52 -19.80 -22.96
C SER B 112 29.55 -20.92 -22.70
N GLY B 113 28.72 -21.24 -23.69
CA GLY B 113 27.74 -22.28 -23.50
C GLY B 113 27.19 -22.78 -24.82
N GLU B 114 26.24 -23.70 -24.69
CA GLU B 114 25.65 -24.38 -25.84
C GLU B 114 24.32 -24.97 -25.40
N THR B 115 23.30 -24.83 -26.25
CA THR B 115 21.98 -25.34 -25.94
C THR B 115 21.38 -25.93 -27.21
N ARG B 116 20.61 -27.00 -27.06
CA ARG B 116 19.81 -27.56 -28.14
C ARG B 116 18.34 -27.28 -27.88
N ASP B 117 17.50 -27.74 -28.80
CA ASP B 117 16.09 -27.88 -28.48
C ASP B 117 15.84 -29.29 -27.95
N GLY B 118 14.75 -29.45 -27.22
CA GLY B 118 14.55 -30.63 -26.42
C GLY B 118 15.08 -30.52 -25.02
N GLU B 119 16.10 -29.69 -24.82
CA GLU B 119 16.79 -29.55 -23.57
C GLU B 119 16.34 -28.30 -22.84
N ILE B 120 16.63 -28.24 -21.56
CA ILE B 120 16.42 -27.04 -20.76
C ILE B 120 17.75 -26.66 -20.16
N LEU B 121 18.28 -25.52 -20.59
CA LEU B 121 19.48 -24.95 -19.97
C LEU B 121 19.05 -24.16 -18.75
N ALA B 122 19.49 -24.59 -17.58
CA ALA B 122 19.22 -23.87 -16.35
C ALA B 122 20.49 -23.17 -15.89
N VAL B 123 20.38 -21.89 -15.57
CA VAL B 123 21.49 -21.09 -15.08
C VAL B 123 21.27 -20.87 -13.60
N LEU B 124 22.22 -21.32 -12.78
CA LEU B 124 22.10 -21.22 -11.35
C LEU B 124 23.12 -20.26 -10.76
N GLY B 125 22.75 -19.65 -9.65
CA GLY B 125 23.57 -18.69 -8.93
C GLY B 125 23.01 -18.57 -7.54
N ALA B 126 23.76 -17.86 -6.68
CA ALA B 126 23.43 -17.87 -5.26
C ALA B 126 22.34 -16.86 -4.90
N SER B 127 22.64 -15.58 -4.99
CA SER B 127 21.71 -14.54 -4.56
C SER B 127 21.79 -13.31 -5.44
N GLY B 128 22.09 -13.46 -6.72
CA GLY B 128 22.44 -12.33 -7.54
C GLY B 128 23.82 -12.50 -8.13
N SER B 129 24.19 -13.75 -8.39
CA SER B 129 25.48 -14.09 -8.96
C SER B 129 25.65 -13.62 -10.40
N GLY B 130 24.55 -13.40 -11.12
CA GLY B 130 24.63 -13.09 -12.53
C GLY B 130 23.85 -14.10 -13.34
N LYS B 131 23.02 -14.89 -12.66
CA LYS B 131 22.11 -15.81 -13.34
C LYS B 131 21.15 -15.05 -14.27
N SER B 132 20.42 -14.09 -13.71
CA SER B 132 19.90 -13.00 -14.48
C SER B 132 21.00 -11.96 -14.62
N THR B 133 20.98 -11.25 -15.76
CA THR B 133 22.00 -10.44 -16.46
C THR B 133 22.86 -11.41 -17.29
N LEU B 134 22.57 -12.70 -17.22
CA LEU B 134 22.94 -13.59 -18.31
C LEU B 134 21.73 -13.93 -19.17
N ILE B 135 20.55 -14.00 -18.55
CA ILE B 135 19.32 -14.09 -19.31
C ILE B 135 19.04 -12.75 -19.98
N ASP B 136 19.37 -11.64 -19.30
CA ASP B 136 19.26 -10.33 -19.92
C ASP B 136 20.33 -10.10 -20.99
N ALA B 137 21.43 -10.83 -20.91
CA ALA B 137 22.50 -10.68 -21.90
C ALA B 137 22.26 -11.54 -23.13
N LEU B 138 21.56 -12.66 -22.97
CA LEU B 138 21.27 -13.50 -24.12
C LEU B 138 20.00 -13.06 -24.84
N ALA B 139 19.21 -12.21 -24.22
CA ALA B 139 18.02 -11.65 -24.84
C ALA B 139 18.26 -10.25 -25.40
N ASN B 140 19.49 -9.75 -25.32
CA ASN B 140 19.90 -8.41 -25.74
C ASN B 140 19.05 -7.34 -25.06
N ARG B 141 18.96 -7.43 -23.75
CA ARG B 141 18.12 -6.52 -22.98
C ARG B 141 18.93 -5.60 -22.09
N ILE B 142 20.20 -5.36 -22.43
CA ILE B 142 21.04 -4.49 -21.61
C ILE B 142 21.61 -3.32 -22.42
N ALA B 143 22.48 -3.60 -23.40
CA ALA B 143 23.21 -2.62 -24.18
C ALA B 143 23.97 -3.36 -25.28
N LYS B 144 24.16 -2.71 -26.42
CA LYS B 144 25.10 -3.17 -27.43
C LYS B 144 26.31 -2.25 -27.41
N GLY B 145 27.49 -2.82 -27.12
CA GLY B 145 28.69 -2.07 -26.88
C GLY B 145 29.25 -2.28 -25.48
N SER B 146 28.38 -2.36 -24.49
CA SER B 146 28.76 -2.75 -23.13
C SER B 146 28.78 -4.26 -22.95
N LEU B 147 28.46 -5.01 -24.01
CA LEU B 147 28.61 -6.46 -24.04
C LEU B 147 29.50 -6.82 -25.21
N LYS B 148 30.49 -7.67 -24.97
CA LYS B 148 31.32 -8.21 -26.03
C LYS B 148 31.23 -9.72 -25.99
N GLY B 149 31.15 -10.32 -27.17
CA GLY B 149 31.00 -11.76 -27.26
C GLY B 149 30.02 -12.19 -28.32
N THR B 150 30.37 -13.23 -29.07
CA THR B 150 29.55 -13.68 -30.17
C THR B 150 28.42 -14.57 -29.65
N VAL B 151 27.18 -14.17 -29.91
CA VAL B 151 26.02 -15.00 -29.62
C VAL B 151 25.59 -15.62 -30.94
N THR B 152 25.44 -16.94 -30.94
CA THR B 152 25.38 -17.73 -32.16
C THR B 152 24.14 -18.62 -32.12
N LEU B 153 23.48 -18.77 -33.25
CA LEU B 153 22.37 -19.72 -33.38
C LEU B 153 22.55 -20.48 -34.68
N ASN B 154 22.47 -21.82 -34.60
CA ASN B 154 22.74 -22.75 -35.72
C ASN B 154 24.10 -22.51 -36.38
N GLY B 155 25.10 -22.13 -35.58
CA GLY B 155 26.43 -21.95 -36.12
C GLY B 155 26.61 -20.70 -36.94
N GLU B 156 25.76 -19.69 -36.77
CA GLU B 156 25.94 -18.42 -37.45
C GLU B 156 25.49 -17.30 -36.53
N ALA B 157 25.88 -16.07 -36.90
CA ALA B 157 25.72 -14.91 -36.04
C ALA B 157 24.24 -14.56 -35.87
N LEU B 158 23.98 -13.75 -34.84
CA LEU B 158 22.62 -13.45 -34.43
C LEU B 158 22.53 -12.00 -33.98
N GLN B 159 21.59 -11.27 -34.57
CA GLN B 159 21.34 -9.88 -34.25
C GLN B 159 19.93 -9.71 -33.68
N SER B 160 19.66 -8.52 -33.15
CA SER B 160 18.46 -8.26 -32.37
C SER B 160 17.19 -8.19 -33.21
N ARG B 161 17.30 -8.13 -34.54
CA ARG B 161 16.11 -8.16 -35.38
C ARG B 161 15.51 -9.57 -35.40
N MET B 162 16.36 -10.59 -35.38
CA MET B 162 15.87 -11.95 -35.45
C MET B 162 15.43 -12.47 -34.10
N LEU B 163 16.08 -12.05 -33.02
CA LEU B 163 15.78 -12.55 -31.68
C LEU B 163 14.56 -11.87 -31.04
N LYS B 164 13.86 -11.01 -31.76
CA LYS B 164 12.60 -10.52 -31.24
C LYS B 164 11.39 -11.05 -31.99
N VAL B 165 11.58 -11.67 -33.15
CA VAL B 165 10.52 -12.46 -33.74
C VAL B 165 10.64 -13.92 -33.31
N ILE B 166 11.82 -14.35 -32.86
CA ILE B 166 12.07 -15.76 -32.58
C ILE B 166 11.98 -16.08 -31.10
N SER B 167 11.99 -15.09 -30.23
CA SER B 167 12.17 -15.33 -28.81
C SER B 167 11.15 -14.60 -27.97
N ALA B 168 11.22 -14.89 -26.67
CA ALA B 168 10.28 -14.35 -25.70
C ALA B 168 10.95 -14.36 -24.34
N TYR B 169 10.89 -13.23 -23.64
CA TYR B 169 11.48 -13.08 -22.32
C TYR B 169 10.34 -13.02 -21.32
N VAL B 170 10.38 -13.92 -20.34
CA VAL B 170 9.33 -14.03 -19.33
C VAL B 170 9.87 -13.42 -18.04
N MET B 171 9.34 -12.27 -17.65
CA MET B 171 9.81 -11.55 -16.49
C MET B 171 9.40 -12.27 -15.20
N GLN B 172 9.99 -11.82 -14.09
CA GLN B 172 9.79 -12.47 -12.79
C GLN B 172 8.66 -11.75 -12.08
N ASP B 173 7.45 -11.92 -12.62
CA ASP B 173 6.23 -11.37 -12.08
C ASP B 173 5.04 -12.18 -12.55
N ASP B 174 3.87 -11.90 -12.00
CA ASP B 174 2.59 -12.30 -12.59
C ASP B 174 1.73 -11.06 -12.55
N LEU B 175 1.89 -10.20 -13.54
CA LEU B 175 1.12 -8.97 -13.65
C LEU B 175 0.00 -9.23 -14.65
N LEU B 176 -1.15 -9.65 -14.12
CA LEU B 176 -2.31 -9.90 -14.95
C LEU B 176 -3.47 -9.13 -14.36
N PHE B 177 -4.54 -9.01 -15.11
CA PHE B 177 -5.72 -8.39 -14.56
C PHE B 177 -6.44 -9.37 -13.64
N PRO B 178 -6.98 -8.90 -12.51
CA PRO B 178 -7.51 -9.83 -11.50
C PRO B 178 -8.77 -10.54 -11.92
N MET B 179 -9.60 -9.90 -12.72
CA MET B 179 -10.73 -10.52 -13.40
C MET B 179 -10.21 -11.14 -14.69
N LEU B 180 -11.09 -11.33 -15.69
CA LEU B 180 -10.73 -11.91 -16.98
C LEU B 180 -10.23 -13.34 -16.83
N THR B 181 -11.17 -14.27 -16.69
CA THR B 181 -10.91 -15.71 -16.66
C THR B 181 -9.93 -16.20 -17.72
N VAL B 182 -9.24 -17.30 -17.40
CA VAL B 182 -8.12 -17.73 -18.24
C VAL B 182 -8.70 -18.52 -19.40
N GLU B 183 -9.35 -17.83 -20.31
CA GLU B 183 -9.51 -18.25 -21.68
C GLU B 183 -9.46 -16.93 -22.43
N GLU B 184 -9.74 -15.87 -21.68
CA GLU B 184 -9.84 -14.49 -22.16
C GLU B 184 -8.55 -13.71 -21.97
N THR B 185 -7.82 -13.97 -20.88
CA THR B 185 -6.49 -13.42 -20.68
C THR B 185 -5.56 -13.83 -21.81
N LEU B 186 -5.58 -15.10 -22.19
CA LEU B 186 -4.78 -15.57 -23.30
C LEU B 186 -5.40 -15.26 -24.65
N MET B 187 -6.68 -14.90 -24.71
CA MET B 187 -7.27 -14.46 -25.98
C MET B 187 -7.13 -12.97 -26.20
N PHE B 188 -6.93 -12.18 -25.14
CA PHE B 188 -6.54 -10.79 -25.36
C PHE B 188 -5.10 -10.71 -25.82
N ALA B 189 -4.21 -11.48 -25.21
CA ALA B 189 -2.82 -11.57 -25.65
C ALA B 189 -2.68 -12.22 -27.00
N ALA B 190 -3.69 -12.96 -27.45
CA ALA B 190 -3.67 -13.52 -28.80
C ALA B 190 -3.89 -12.43 -29.84
N GLU B 191 -4.93 -11.61 -29.66
CA GLU B 191 -5.27 -10.61 -30.67
C GLU B 191 -4.30 -9.43 -30.69
N PHE B 192 -3.65 -9.15 -29.56
CA PHE B 192 -2.61 -8.13 -29.55
C PHE B 192 -1.40 -8.55 -30.37
N ARG B 193 -0.98 -9.81 -30.23
CA ARG B 193 0.34 -10.23 -30.66
C ARG B 193 0.34 -11.17 -31.86
N LEU B 194 -0.66 -12.01 -32.02
CA LEU B 194 -0.72 -12.75 -33.27
C LEU B 194 -1.21 -11.83 -34.39
N PRO B 195 -0.73 -12.02 -35.62
CA PRO B 195 -1.12 -11.11 -36.70
C PRO B 195 -2.58 -11.25 -37.09
N ARG B 196 -3.13 -10.16 -37.61
CA ARG B 196 -4.54 -10.09 -37.92
C ARG B 196 -4.89 -10.70 -39.27
N SER B 197 -3.90 -11.12 -40.05
CA SER B 197 -4.18 -11.89 -41.26
C SER B 197 -4.71 -13.26 -40.92
N LEU B 198 -4.37 -13.79 -39.75
CA LEU B 198 -5.04 -14.95 -39.21
C LEU B 198 -6.50 -14.61 -38.92
N PRO B 199 -7.42 -15.52 -39.21
CA PRO B 199 -8.78 -15.36 -38.68
C PRO B 199 -8.79 -15.63 -37.19
N LYS B 200 -9.90 -15.25 -36.54
CA LYS B 200 -10.06 -15.60 -35.14
C LYS B 200 -10.40 -17.07 -34.95
N SER B 201 -10.76 -17.79 -36.02
CA SER B 201 -11.02 -19.22 -35.92
C SER B 201 -9.72 -19.99 -35.66
N LYS B 202 -8.66 -19.68 -36.42
CA LYS B 202 -7.36 -20.29 -36.15
C LYS B 202 -6.76 -19.76 -34.86
N LYS B 203 -7.00 -18.48 -34.56
CA LYS B 203 -6.52 -17.87 -33.33
C LYS B 203 -7.21 -18.43 -32.10
N LYS B 204 -8.44 -18.91 -32.23
CA LYS B 204 -9.13 -19.50 -31.08
C LYS B 204 -8.57 -20.87 -30.74
N LEU B 205 -8.11 -21.63 -31.72
CA LEU B 205 -7.57 -22.95 -31.44
C LEU B 205 -6.10 -22.88 -31.04
N ARG B 206 -5.39 -21.81 -31.41
CA ARG B 206 -4.05 -21.58 -30.90
C ARG B 206 -4.08 -21.37 -29.39
N VAL B 207 -5.09 -20.65 -28.90
CA VAL B 207 -5.27 -20.54 -27.46
C VAL B 207 -5.76 -21.86 -26.89
N GLN B 208 -6.53 -22.61 -27.66
CA GLN B 208 -6.98 -23.93 -27.19
C GLN B 208 -5.84 -24.96 -27.23
N ALA B 209 -4.90 -24.82 -28.16
CA ALA B 209 -3.72 -25.67 -28.12
C ALA B 209 -2.82 -25.30 -26.95
N LEU B 210 -2.71 -24.01 -26.65
CA LEU B 210 -1.84 -23.56 -25.57
C LEU B 210 -2.45 -23.89 -24.21
N ILE B 211 -3.78 -23.90 -24.12
CA ILE B 211 -4.42 -24.15 -22.83
C ILE B 211 -4.34 -25.63 -22.45
N ASP B 212 -4.08 -26.52 -23.42
CA ASP B 212 -3.81 -27.93 -23.16
C ASP B 212 -2.33 -28.23 -23.00
N GLN B 213 -1.47 -27.49 -23.71
CA GLN B 213 -0.03 -27.61 -23.51
C GLN B 213 0.36 -27.15 -22.12
N LEU B 214 -0.25 -26.07 -21.65
CA LEU B 214 -0.21 -25.73 -20.25
C LEU B 214 -1.15 -26.66 -19.49
N GLY B 215 -0.89 -26.82 -18.19
CA GLY B 215 -1.70 -27.75 -17.43
C GLY B 215 -2.90 -27.09 -16.77
N ILE B 216 -3.65 -26.30 -17.53
CA ILE B 216 -4.78 -25.54 -17.01
C ILE B 216 -6.01 -25.80 -17.88
N ARG B 217 -6.83 -26.76 -17.47
CA ARG B 217 -8.16 -26.94 -18.02
C ARG B 217 -9.24 -26.87 -16.96
N ASN B 218 -8.89 -27.11 -15.69
CA ASN B 218 -9.78 -26.80 -14.58
C ASN B 218 -9.94 -25.30 -14.39
N ALA B 219 -8.97 -24.50 -14.86
CA ALA B 219 -8.99 -23.06 -14.70
C ALA B 219 -9.24 -22.34 -16.00
N ALA B 220 -9.78 -23.04 -17.01
CA ALA B 220 -10.07 -22.38 -18.27
C ALA B 220 -11.28 -21.47 -18.19
N LYS B 221 -12.13 -21.63 -17.19
CA LYS B 221 -13.36 -20.84 -17.04
C LYS B 221 -13.45 -20.17 -15.68
N THR B 222 -12.33 -20.03 -14.97
CA THR B 222 -12.34 -19.35 -13.68
C THR B 222 -11.48 -18.10 -13.73
N ILE B 223 -11.92 -17.09 -12.98
CA ILE B 223 -11.25 -15.80 -12.86
C ILE B 223 -9.85 -15.96 -12.28
N ILE B 224 -8.91 -15.14 -12.75
CA ILE B 224 -7.53 -15.15 -12.27
C ILE B 224 -7.48 -14.86 -10.77
N GLY B 225 -8.24 -13.87 -10.33
CA GLY B 225 -8.49 -13.81 -8.90
C GLY B 225 -7.38 -13.33 -7.99
N ASP B 226 -7.19 -12.02 -7.90
CA ASP B 226 -6.26 -11.45 -6.93
C ASP B 226 -6.71 -11.67 -5.48
N GLU B 227 -5.94 -11.08 -4.55
CA GLU B 227 -5.98 -11.43 -3.12
C GLU B 227 -7.37 -11.27 -2.48
N GLY B 228 -8.22 -10.42 -3.04
CA GLY B 228 -9.55 -10.27 -2.54
C GLY B 228 -10.65 -11.04 -3.25
N HIS B 229 -10.38 -11.61 -4.42
CA HIS B 229 -11.42 -12.27 -5.20
C HIS B 229 -10.92 -13.61 -5.75
N ARG B 230 -10.34 -14.43 -4.85
CA ARG B 230 -9.63 -15.69 -5.08
C ARG B 230 -10.27 -16.59 -6.14
N GLY B 231 -9.58 -16.78 -7.28
CA GLY B 231 -10.13 -17.61 -8.33
C GLY B 231 -9.31 -18.71 -8.98
N ILE B 232 -7.98 -18.64 -8.98
CA ILE B 232 -7.10 -19.74 -9.39
C ILE B 232 -5.91 -19.78 -8.45
N SER B 233 -5.10 -20.82 -8.60
CA SER B 233 -4.02 -21.07 -7.66
C SER B 233 -2.86 -20.10 -7.88
N GLY B 234 -1.90 -20.13 -6.96
CA GLY B 234 -0.75 -19.23 -7.07
C GLY B 234 0.24 -19.70 -8.12
N GLY B 235 0.58 -20.99 -8.12
CA GLY B 235 1.45 -21.55 -9.12
C GLY B 235 0.77 -21.89 -10.43
N GLU B 236 -0.54 -21.66 -10.50
CA GLU B 236 -1.32 -21.86 -11.70
C GLU B 236 -1.68 -20.54 -12.35
N ARG B 237 -1.51 -19.42 -11.63
CA ARG B 237 -1.34 -18.13 -12.29
C ARG B 237 -0.05 -18.06 -13.08
N ARG B 238 1.01 -18.71 -12.56
CA ARG B 238 2.33 -18.63 -13.17
C ARG B 238 2.36 -19.27 -14.54
N ARG B 239 1.59 -20.34 -14.74
CA ARG B 239 1.53 -20.92 -16.07
C ARG B 239 0.70 -20.07 -17.04
N VAL B 240 -0.03 -19.08 -16.56
CA VAL B 240 -0.75 -18.17 -17.45
C VAL B 240 0.14 -17.02 -17.90
N SER B 241 0.89 -16.42 -16.98
CA SER B 241 1.80 -15.34 -17.35
C SER B 241 2.95 -15.88 -18.20
N ILE B 242 3.39 -17.10 -17.92
CA ILE B 242 4.29 -17.79 -18.84
C ILE B 242 3.59 -18.03 -20.17
N GLY B 243 2.31 -18.38 -20.13
CA GLY B 243 1.57 -18.69 -21.34
C GLY B 243 1.26 -17.51 -22.23
N ILE B 244 1.20 -16.30 -21.65
CA ILE B 244 0.99 -15.09 -22.46
C ILE B 244 2.15 -14.87 -23.41
N ASP B 245 3.38 -15.09 -22.94
CA ASP B 245 4.58 -14.87 -23.72
C ASP B 245 4.87 -15.97 -24.74
N ILE B 246 4.13 -17.07 -24.70
CA ILE B 246 4.27 -18.16 -25.67
C ILE B 246 3.01 -18.16 -26.52
N ILE B 247 2.42 -16.99 -26.71
CA ILE B 247 1.24 -16.95 -27.57
C ILE B 247 1.65 -17.00 -29.04
N HIS B 248 2.87 -16.61 -29.37
CA HIS B 248 3.37 -16.66 -30.74
C HIS B 248 4.24 -17.88 -31.00
N ASP B 249 4.40 -18.75 -29.99
CA ASP B 249 5.15 -20.00 -30.00
C ASP B 249 6.60 -19.82 -30.42
N PRO B 250 7.44 -19.21 -29.60
CA PRO B 250 8.79 -18.87 -30.02
C PRO B 250 9.69 -20.10 -30.04
N ILE B 251 10.91 -19.92 -30.55
CA ILE B 251 11.88 -21.01 -30.54
C ILE B 251 12.67 -20.95 -29.25
N VAL B 252 13.43 -19.91 -29.05
CA VAL B 252 14.21 -19.77 -27.82
C VAL B 252 13.41 -18.96 -26.80
N LEU B 253 13.32 -19.47 -25.58
CA LEU B 253 12.39 -18.89 -24.60
C LEU B 253 13.16 -18.60 -23.31
N PHE B 254 13.42 -17.33 -23.06
CA PHE B 254 14.16 -16.90 -21.88
C PHE B 254 13.20 -16.66 -20.72
N LEU B 255 13.48 -17.26 -19.58
CA LEU B 255 12.63 -17.08 -18.41
C LEU B 255 13.49 -16.66 -17.24
N ASP B 256 13.12 -15.56 -16.62
CA ASP B 256 13.84 -15.02 -15.48
C ASP B 256 13.14 -15.49 -14.22
N GLU B 257 13.66 -16.57 -13.61
CA GLU B 257 13.17 -17.24 -12.41
C GLU B 257 11.67 -17.57 -12.48
N PRO B 258 11.25 -18.52 -13.31
CA PRO B 258 9.81 -18.76 -13.46
C PRO B 258 9.19 -19.58 -12.34
N THR B 259 9.94 -19.98 -11.32
CA THR B 259 9.42 -20.77 -10.22
C THR B 259 9.72 -20.12 -8.88
N SER B 260 9.82 -18.79 -8.86
CA SER B 260 10.08 -18.07 -7.63
C SER B 260 8.76 -17.78 -6.94
N GLY B 261 8.74 -17.95 -5.62
CA GLY B 261 7.54 -17.72 -4.86
C GLY B 261 6.47 -18.77 -5.06
N LEU B 262 6.84 -19.98 -5.43
CA LEU B 262 5.91 -21.07 -5.61
C LEU B 262 6.24 -22.21 -4.65
N ASP B 263 5.22 -22.95 -4.27
CA ASP B 263 5.43 -24.16 -3.51
C ASP B 263 6.04 -25.24 -4.41
N SER B 264 6.70 -26.21 -3.78
CA SER B 264 7.54 -27.16 -4.49
C SER B 264 6.76 -28.18 -5.31
N THR B 265 5.43 -28.23 -5.22
CA THR B 265 4.68 -29.19 -6.01
C THR B 265 3.92 -28.56 -7.17
N SER B 266 3.65 -27.25 -7.13
CA SER B 266 3.16 -26.55 -8.29
C SER B 266 4.27 -25.94 -9.13
N ALA B 267 5.43 -25.68 -8.51
CA ALA B 267 6.62 -25.33 -9.27
C ALA B 267 7.17 -26.51 -10.05
N PHE B 268 6.78 -27.74 -9.70
CA PHE B 268 7.19 -28.88 -10.52
C PHE B 268 6.39 -28.91 -11.82
N MET B 269 5.09 -28.59 -11.76
CA MET B 269 4.27 -28.63 -12.95
C MET B 269 4.53 -27.43 -13.87
N VAL B 270 5.12 -26.36 -13.33
CA VAL B 270 5.62 -25.27 -14.18
C VAL B 270 6.76 -25.78 -15.05
N VAL B 271 7.75 -26.44 -14.43
CA VAL B 271 8.86 -26.98 -15.19
C VAL B 271 8.44 -28.23 -15.96
N LYS B 272 7.34 -28.88 -15.57
CA LYS B 272 6.89 -30.03 -16.35
C LYS B 272 6.25 -29.59 -17.65
N VAL B 273 5.49 -28.49 -17.63
CA VAL B 273 4.95 -27.99 -18.90
C VAL B 273 5.98 -27.19 -19.67
N LEU B 274 7.05 -26.73 -19.01
CA LEU B 274 8.12 -26.07 -19.75
C LEU B 274 8.89 -27.08 -20.59
N LYS B 275 9.20 -28.25 -20.05
CA LYS B 275 9.81 -29.27 -20.88
C LYS B 275 8.82 -29.84 -21.89
N ARG B 276 7.53 -29.79 -21.58
CA ARG B 276 6.52 -30.15 -22.59
C ARG B 276 6.50 -29.14 -23.74
N ILE B 277 6.75 -27.87 -23.43
CA ILE B 277 7.03 -26.88 -24.48
C ILE B 277 8.34 -27.23 -25.17
N ALA B 278 9.36 -27.57 -24.39
CA ALA B 278 10.65 -27.92 -24.94
C ALA B 278 10.66 -29.29 -25.62
N GLU B 279 9.67 -30.15 -25.37
CA GLU B 279 9.59 -31.38 -26.16
C GLU B 279 9.11 -31.12 -27.58
N SER B 280 8.56 -29.95 -27.86
CA SER B 280 8.40 -29.45 -29.23
C SER B 280 9.71 -28.78 -29.65
N GLY B 281 9.71 -28.04 -30.75
CA GLY B 281 10.98 -27.48 -31.19
C GLY B 281 11.43 -26.22 -30.48
N SER B 282 11.59 -26.26 -29.15
CA SER B 282 11.83 -25.06 -28.37
C SER B 282 13.10 -25.16 -27.55
N ILE B 283 13.89 -24.08 -27.56
CA ILE B 283 15.04 -23.89 -26.68
C ILE B 283 14.57 -23.12 -25.46
N ILE B 284 14.95 -23.57 -24.26
CA ILE B 284 14.57 -22.87 -23.04
C ILE B 284 15.82 -22.59 -22.24
N ILE B 285 16.08 -21.31 -21.98
CA ILE B 285 17.19 -20.86 -21.15
C ILE B 285 16.57 -20.12 -19.97
N MET B 286 16.48 -20.80 -18.84
CA MET B 286 15.82 -20.27 -17.66
C MET B 286 16.81 -20.21 -16.50
N SER B 287 16.50 -19.36 -15.52
CA SER B 287 17.41 -19.10 -14.41
C SER B 287 16.72 -19.51 -13.12
N ILE B 288 16.83 -20.78 -12.78
CA ILE B 288 16.25 -21.35 -11.58
C ILE B 288 16.97 -20.82 -10.34
N HIS B 289 16.19 -20.43 -9.33
CA HIS B 289 16.71 -20.20 -7.99
C HIS B 289 16.38 -21.43 -7.14
N GLN B 290 17.43 -22.21 -6.81
CA GLN B 290 17.40 -23.35 -5.89
C GLN B 290 16.35 -24.41 -6.25
N PRO B 291 16.62 -25.26 -7.23
CA PRO B 291 15.63 -26.25 -7.66
C PRO B 291 15.37 -27.30 -6.58
N SER B 292 14.27 -28.02 -6.77
CA SER B 292 13.89 -29.10 -5.90
C SER B 292 14.57 -30.39 -6.37
N HIS B 293 14.09 -31.53 -5.88
CA HIS B 293 14.66 -32.83 -6.23
C HIS B 293 13.90 -33.52 -7.35
N ARG B 294 12.58 -33.37 -7.40
CA ARG B 294 11.78 -34.01 -8.43
C ARG B 294 11.81 -33.22 -9.75
N VAL B 295 12.39 -32.02 -9.73
CA VAL B 295 12.44 -31.17 -10.91
C VAL B 295 13.64 -31.49 -11.81
N LEU B 296 14.66 -32.17 -11.29
CA LEU B 296 15.87 -32.43 -12.06
C LEU B 296 15.73 -33.65 -12.97
N SER B 297 14.54 -34.22 -13.08
CA SER B 297 14.20 -35.13 -14.16
C SER B 297 13.93 -34.38 -15.48
N LEU B 298 13.90 -33.06 -15.44
CA LEU B 298 13.55 -32.23 -16.59
C LEU B 298 14.69 -31.34 -17.06
N LEU B 299 15.51 -30.81 -16.16
CA LEU B 299 16.62 -29.96 -16.55
C LEU B 299 17.73 -30.81 -17.13
N ASP B 300 18.15 -30.49 -18.36
CA ASP B 300 19.07 -31.33 -19.10
C ASP B 300 20.48 -30.76 -19.22
N ARG B 301 20.68 -29.51 -18.85
CA ARG B 301 22.00 -28.89 -18.91
C ARG B 301 22.03 -27.76 -17.89
N LEU B 302 23.10 -27.68 -17.11
CA LEU B 302 23.21 -26.70 -16.03
C LEU B 302 24.39 -25.77 -16.30
N ILE B 303 24.30 -24.56 -15.74
CA ILE B 303 25.42 -23.62 -15.66
C ILE B 303 25.36 -22.95 -14.29
N PHE B 304 26.46 -23.03 -13.54
CA PHE B 304 26.58 -22.38 -12.24
C PHE B 304 27.48 -21.15 -12.37
N LEU B 305 27.05 -20.04 -11.76
CA LEU B 305 27.79 -18.80 -11.86
C LEU B 305 28.21 -18.31 -10.49
N SER B 306 29.44 -17.76 -10.43
CA SER B 306 29.98 -17.12 -9.24
C SER B 306 30.50 -15.75 -9.65
N ARG B 307 29.61 -14.76 -9.63
CA ARG B 307 29.91 -13.34 -9.86
C ARG B 307 30.56 -13.11 -11.23
N GLY B 308 29.90 -13.63 -12.25
CA GLY B 308 30.38 -13.47 -13.61
C GLY B 308 31.42 -14.48 -14.05
N HIS B 309 31.51 -15.63 -13.41
CA HIS B 309 32.43 -16.68 -13.81
C HIS B 309 31.71 -18.02 -13.71
N THR B 310 31.85 -18.84 -14.75
CA THR B 310 31.21 -20.15 -14.77
C THR B 310 31.95 -21.12 -13.85
N VAL B 311 31.19 -21.89 -13.10
CA VAL B 311 31.77 -22.83 -12.14
C VAL B 311 31.50 -24.29 -12.50
N PHE B 312 30.27 -24.65 -12.86
CA PHE B 312 29.99 -25.97 -13.37
C PHE B 312 29.08 -25.83 -14.58
N SER B 313 29.36 -26.61 -15.63
CA SER B 313 28.61 -26.51 -16.87
C SER B 313 28.49 -27.92 -17.45
N GLY B 314 27.31 -28.52 -17.30
CA GLY B 314 27.10 -29.83 -17.85
C GLY B 314 25.77 -30.40 -17.40
N SER B 315 25.60 -31.69 -17.64
CA SER B 315 24.37 -32.38 -17.28
C SER B 315 24.25 -32.50 -15.76
N PRO B 316 23.03 -32.67 -15.25
CA PRO B 316 22.88 -32.98 -13.82
C PRO B 316 23.33 -34.39 -13.46
N ALA B 317 23.45 -35.30 -14.43
CA ALA B 317 23.99 -36.62 -14.15
C ALA B 317 25.49 -36.58 -13.92
N SER B 318 26.18 -35.59 -14.49
CA SER B 318 27.61 -35.42 -14.30
C SER B 318 27.93 -34.57 -13.08
N LEU B 319 26.92 -34.14 -12.34
CA LEU B 319 27.06 -33.30 -11.17
C LEU B 319 27.62 -34.06 -9.95
N PRO B 320 27.30 -35.34 -9.72
CA PRO B 320 28.14 -36.10 -8.76
C PRO B 320 29.57 -36.29 -9.22
N SER B 321 29.79 -36.62 -10.49
CA SER B 321 31.14 -36.95 -10.97
C SER B 321 32.04 -35.74 -11.08
N PHE B 322 31.49 -34.53 -11.16
CA PHE B 322 32.30 -33.33 -11.21
C PHE B 322 32.83 -32.96 -9.82
N PHE B 323 31.93 -32.89 -8.83
CA PHE B 323 32.31 -32.46 -7.50
C PHE B 323 33.15 -33.48 -6.77
N ALA B 324 33.00 -34.77 -7.09
CA ALA B 324 33.87 -35.79 -6.52
C ALA B 324 35.30 -35.64 -7.00
N GLY B 325 35.48 -35.30 -8.28
CA GLY B 325 36.80 -35.09 -8.82
C GLY B 325 37.41 -33.74 -8.51
N PHE B 326 36.63 -32.83 -7.90
CA PHE B 326 37.19 -31.55 -7.48
C PHE B 326 37.82 -31.61 -6.10
N GLY B 327 37.26 -32.41 -5.20
CA GLY B 327 37.79 -32.53 -3.85
C GLY B 327 36.72 -32.40 -2.80
N ASN B 328 35.47 -32.46 -3.23
CA ASN B 328 34.33 -32.36 -2.31
C ASN B 328 33.26 -33.34 -2.77
N PRO B 329 33.35 -34.61 -2.33
CA PRO B 329 32.40 -35.63 -2.81
C PRO B 329 30.96 -35.40 -2.35
N ILE B 330 30.03 -36.12 -2.97
CA ILE B 330 28.61 -35.84 -2.87
C ILE B 330 27.95 -36.85 -1.95
N PRO B 331 27.01 -36.44 -1.09
CA PRO B 331 26.25 -37.42 -0.30
C PRO B 331 25.08 -37.97 -1.08
N GLU B 332 24.95 -39.29 -1.13
CA GLU B 332 23.88 -39.94 -1.88
C GLU B 332 22.59 -39.93 -1.06
N ASN B 333 21.47 -40.22 -1.74
CA ASN B 333 20.12 -40.17 -1.20
C ASN B 333 19.82 -38.80 -0.59
N GLU B 334 20.22 -37.76 -1.31
CA GLU B 334 20.22 -36.40 -0.82
C GLU B 334 20.10 -35.50 -2.02
N ASN B 335 19.52 -34.31 -1.82
CA ASN B 335 19.16 -33.44 -2.94
C ASN B 335 20.40 -32.86 -3.59
N GLN B 336 20.66 -33.28 -4.83
CA GLN B 336 21.66 -32.69 -5.68
C GLN B 336 21.23 -31.28 -6.09
N THR B 337 22.18 -30.51 -6.63
CA THR B 337 22.04 -29.14 -7.13
C THR B 337 21.66 -28.14 -6.01
N GLU B 338 21.65 -28.59 -4.76
CA GLU B 338 21.51 -27.86 -3.51
C GLU B 338 22.75 -28.02 -2.65
N PHE B 339 23.24 -29.25 -2.50
CA PHE B 339 24.57 -29.49 -1.97
C PHE B 339 25.63 -28.81 -2.83
N ALA B 340 25.48 -28.90 -4.15
CA ALA B 340 26.44 -28.30 -5.06
C ALA B 340 26.32 -26.79 -5.14
N LEU B 341 25.28 -26.20 -4.56
CA LEU B 341 25.04 -24.77 -4.67
C LEU B 341 25.37 -24.01 -3.39
N ASP B 342 25.12 -24.60 -2.21
CA ASP B 342 25.59 -23.94 -0.99
C ASP B 342 27.08 -24.17 -0.73
N LEU B 343 27.66 -25.19 -1.37
CA LEU B 343 29.11 -25.34 -1.37
C LEU B 343 29.78 -24.21 -2.14
N ILE B 344 29.09 -23.67 -3.13
CA ILE B 344 29.52 -22.43 -3.76
C ILE B 344 29.44 -21.28 -2.76
N ARG B 345 28.39 -21.27 -1.93
CA ARG B 345 28.18 -20.14 -1.03
C ARG B 345 29.13 -20.16 0.16
N GLU B 346 29.65 -21.32 0.54
CA GLU B 346 30.63 -21.33 1.63
C GLU B 346 31.99 -20.87 1.13
N LEU B 347 32.24 -20.97 -0.18
CA LEU B 347 33.44 -20.42 -0.80
C LEU B 347 33.33 -18.93 -1.10
N GLU B 348 32.31 -18.25 -0.56
CA GLU B 348 32.20 -16.81 -0.54
C GLU B 348 32.87 -16.21 0.71
N GLY B 349 33.86 -16.89 1.26
CA GLY B 349 34.54 -16.48 2.47
C GLY B 349 35.66 -15.50 2.20
N SER B 350 36.50 -15.32 3.22
CA SER B 350 37.56 -14.31 3.14
C SER B 350 38.76 -14.78 2.34
N ALA B 351 39.09 -16.07 2.39
CA ALA B 351 40.23 -16.60 1.66
C ALA B 351 39.92 -17.88 0.89
N GLY B 352 38.69 -18.37 0.94
CA GLY B 352 38.35 -19.58 0.20
C GLY B 352 38.33 -19.35 -1.29
N GLY B 353 37.34 -18.60 -1.77
CA GLY B 353 37.29 -18.20 -3.16
C GLY B 353 36.82 -19.28 -4.11
N THR B 354 36.00 -18.90 -5.08
CA THR B 354 35.61 -19.80 -6.15
C THR B 354 36.59 -19.75 -7.32
N ARG B 355 37.71 -19.04 -7.18
CA ARG B 355 38.71 -19.01 -8.24
C ARG B 355 39.45 -20.35 -8.33
N GLY B 356 39.42 -21.16 -7.28
CA GLY B 356 39.87 -22.54 -7.39
C GLY B 356 38.93 -23.46 -8.14
N LEU B 357 37.73 -22.96 -8.51
CA LEU B 357 36.79 -23.70 -9.34
C LEU B 357 36.75 -23.25 -10.79
N VAL B 358 37.23 -22.04 -11.11
CA VAL B 358 37.03 -21.54 -12.46
C VAL B 358 38.03 -22.14 -13.46
N GLU B 359 39.22 -22.54 -13.02
CA GLU B 359 40.14 -23.21 -13.93
C GLU B 359 40.02 -24.73 -13.89
N PHE B 360 39.49 -25.30 -12.81
CA PHE B 360 39.08 -26.69 -12.87
C PHE B 360 37.88 -26.87 -13.79
N ASN B 361 37.04 -25.85 -13.92
CA ASN B 361 36.00 -25.85 -14.93
C ASN B 361 36.60 -25.74 -16.33
N LYS B 362 37.79 -25.16 -16.46
CA LYS B 362 38.45 -25.11 -17.75
C LYS B 362 39.11 -26.42 -18.13
N LYS B 363 39.56 -27.21 -17.16
CA LYS B 363 40.14 -28.51 -17.47
C LYS B 363 39.10 -29.61 -17.61
N TRP B 364 37.92 -29.44 -17.00
CA TRP B 364 36.89 -30.48 -17.10
C TRP B 364 36.25 -30.49 -18.49
N GLN B 365 36.19 -29.35 -19.16
CA GLN B 365 35.61 -29.27 -20.49
C GLN B 365 36.45 -29.98 -21.55
N GLU B 366 37.76 -30.10 -21.33
CA GLU B 366 38.65 -30.66 -22.33
C GLU B 366 38.57 -32.17 -22.43
N MET B 367 38.11 -32.85 -21.38
CA MET B 367 38.20 -34.29 -21.29
C MET B 367 36.98 -35.02 -21.87
N LYS B 368 36.00 -34.29 -22.37
CA LYS B 368 34.75 -34.89 -22.83
C LYS B 368 34.49 -34.62 -24.32
N LYS B 369 35.55 -34.58 -25.11
CA LYS B 369 35.49 -34.48 -26.57
C LYS B 369 35.63 -35.85 -27.22
N GLN B 370 34.99 -36.86 -26.60
CA GLN B 370 35.10 -38.27 -26.95
C GLN B 370 34.69 -38.57 -28.39
N SER B 371 33.77 -37.79 -28.94
CA SER B 371 33.26 -37.90 -30.32
C SER B 371 32.74 -39.30 -30.68
N LEU B 386 22.94 -24.23 -40.53
CA LEU B 386 22.80 -24.61 -41.94
C LEU B 386 21.59 -23.90 -42.52
N THR B 387 21.75 -22.61 -42.81
CA THR B 387 20.72 -21.73 -43.36
C THR B 387 19.49 -21.71 -42.44
N LEU B 388 19.66 -21.03 -41.31
CA LEU B 388 18.65 -21.07 -40.24
C LEU B 388 17.28 -20.54 -40.68
N LYS B 389 17.23 -19.70 -41.71
CA LYS B 389 15.95 -19.17 -42.18
C LYS B 389 15.15 -20.17 -42.99
N GLU B 390 15.76 -21.23 -43.51
CA GLU B 390 14.96 -22.36 -43.98
C GLU B 390 14.78 -23.40 -42.88
N ALA B 391 15.60 -23.35 -41.83
CA ALA B 391 15.30 -24.12 -40.63
C ALA B 391 14.16 -23.48 -39.85
N ILE B 392 14.12 -22.15 -39.83
CA ILE B 392 12.97 -21.43 -39.27
C ILE B 392 11.73 -21.72 -40.11
N SER B 393 11.86 -21.64 -41.44
CA SER B 393 10.74 -21.90 -42.34
C SER B 393 10.26 -23.35 -42.26
N ALA B 394 11.16 -24.28 -41.96
CA ALA B 394 10.74 -25.63 -41.65
C ALA B 394 10.08 -25.70 -40.28
N SER B 395 10.53 -24.89 -39.33
CA SER B 395 9.94 -24.87 -38.01
C SER B 395 8.69 -24.02 -37.93
N ILE B 396 8.41 -23.20 -38.95
CA ILE B 396 7.08 -22.63 -39.07
C ILE B 396 6.11 -23.69 -39.54
N SER B 397 6.51 -24.52 -40.50
CA SER B 397 5.65 -25.58 -41.00
C SER B 397 5.48 -26.72 -40.01
N ARG B 398 6.34 -26.80 -38.98
CA ARG B 398 6.07 -27.74 -37.91
C ARG B 398 4.88 -27.30 -37.07
N GLY B 399 4.65 -25.99 -36.97
CA GLY B 399 3.50 -25.47 -36.26
C GLY B 399 3.86 -24.39 -35.27
N LYS B 400 5.12 -24.01 -35.23
CA LYS B 400 5.59 -22.93 -34.37
C LYS B 400 5.63 -21.64 -35.16
N LEU B 401 5.96 -20.55 -34.44
CA LEU B 401 6.10 -19.20 -34.99
C LEU B 401 4.84 -18.74 -35.72
N VAL B 402 3.76 -18.62 -34.94
CA VAL B 402 2.49 -18.17 -35.50
C VAL B 402 2.58 -16.71 -35.92
N SER B 403 3.38 -15.92 -35.21
CA SER B 403 3.63 -14.52 -35.56
C SER B 403 4.42 -14.39 -36.85
N PRO B 422 6.13 -7.07 -39.34
CA PRO B 422 5.35 -5.91 -38.90
C PRO B 422 5.79 -5.40 -37.53
N ALA B 423 5.79 -4.09 -37.34
CA ALA B 423 6.17 -3.52 -36.05
C ALA B 423 5.11 -3.83 -35.00
N PHE B 424 3.85 -3.52 -35.30
CA PHE B 424 2.71 -3.94 -34.50
C PHE B 424 1.79 -4.78 -35.36
N ALA B 425 1.12 -5.72 -34.73
CA ALA B 425 0.28 -6.68 -35.46
C ALA B 425 -1.10 -6.13 -35.79
N ASN B 426 -1.38 -4.88 -35.45
CA ASN B 426 -2.70 -4.28 -35.61
C ASN B 426 -2.50 -2.80 -35.94
N PRO B 427 -3.43 -2.20 -36.67
CA PRO B 427 -3.45 -0.74 -36.77
C PRO B 427 -3.97 -0.16 -35.47
N PHE B 428 -3.84 1.16 -35.32
CA PHE B 428 -4.13 1.76 -34.04
C PHE B 428 -5.62 1.90 -33.76
N TRP B 429 -6.50 1.51 -34.68
CA TRP B 429 -7.93 1.54 -34.40
C TRP B 429 -8.49 0.17 -34.03
N ILE B 430 -7.65 -0.86 -33.98
CA ILE B 430 -8.05 -2.14 -33.43
C ILE B 430 -7.41 -2.40 -32.07
N GLU B 431 -6.23 -1.82 -31.82
CA GLU B 431 -5.69 -1.83 -30.47
C GLU B 431 -6.50 -0.97 -29.51
N ILE B 432 -7.26 0.00 -30.02
CA ILE B 432 -8.08 0.82 -29.14
C ILE B 432 -9.34 0.08 -28.71
N LYS B 433 -9.97 -0.66 -29.62
CA LYS B 433 -11.16 -1.40 -29.20
C LYS B 433 -10.83 -2.73 -28.54
N THR B 434 -9.57 -3.20 -28.62
CA THR B 434 -9.17 -4.37 -27.84
C THR B 434 -8.83 -3.97 -26.41
N LEU B 435 -8.23 -2.80 -26.24
CA LEU B 435 -7.93 -2.30 -24.91
C LEU B 435 -9.16 -1.72 -24.22
N THR B 436 -10.16 -1.30 -24.99
CA THR B 436 -11.42 -0.86 -24.41
C THR B 436 -12.25 -2.04 -23.93
N ARG B 437 -12.37 -3.08 -24.76
CA ARG B 437 -13.11 -4.28 -24.41
C ARG B 437 -12.47 -5.02 -23.26
N ARG B 438 -11.15 -4.89 -23.07
CA ARG B 438 -10.46 -5.52 -21.97
C ARG B 438 -10.69 -4.79 -20.66
N SER B 439 -10.99 -3.49 -20.71
CA SER B 439 -11.14 -2.70 -19.51
C SER B 439 -12.57 -2.33 -19.17
N ILE B 440 -13.52 -2.48 -20.11
CA ILE B 440 -14.93 -2.44 -19.76
C ILE B 440 -15.45 -3.82 -19.40
N LEU B 441 -14.59 -4.84 -19.41
CA LEU B 441 -14.89 -6.17 -18.94
C LEU B 441 -14.19 -6.51 -17.64
N ASN B 442 -13.04 -5.90 -17.40
CA ASN B 442 -12.39 -5.99 -16.10
C ASN B 442 -13.07 -5.09 -15.08
N SER B 443 -13.72 -4.02 -15.51
CA SER B 443 -14.41 -3.13 -14.60
C SER B 443 -15.88 -3.48 -14.40
N ARG B 444 -16.49 -4.19 -15.35
CA ARG B 444 -17.80 -4.79 -15.14
C ARG B 444 -17.77 -5.81 -14.02
N ARG B 445 -16.73 -6.63 -13.96
CA ARG B 445 -16.68 -7.76 -13.06
C ARG B 445 -16.20 -7.39 -11.67
N GLN B 446 -15.97 -6.12 -11.39
CA GLN B 446 -15.82 -5.63 -10.03
C GLN B 446 -16.48 -4.27 -9.92
N PRO B 447 -17.81 -4.24 -9.75
CA PRO B 447 -18.50 -2.96 -9.64
C PRO B 447 -18.52 -2.42 -8.21
N GLU B 448 -17.40 -2.50 -7.53
CA GLU B 448 -17.18 -1.78 -6.28
C GLU B 448 -16.10 -0.73 -6.44
N LEU B 449 -15.60 -0.55 -7.65
CA LEU B 449 -14.79 0.61 -7.98
C LEU B 449 -15.68 1.79 -8.37
N LEU B 450 -16.74 1.53 -9.11
CA LEU B 450 -17.83 2.50 -9.28
C LEU B 450 -18.93 2.25 -8.26
N GLY B 451 -18.52 2.09 -7.00
CA GLY B 451 -19.44 2.08 -5.88
C GLY B 451 -18.70 2.72 -4.73
N MET B 452 -17.48 3.11 -4.98
CA MET B 452 -16.66 3.87 -4.06
C MET B 452 -16.37 5.26 -4.60
N ARG B 453 -16.28 5.42 -5.91
CA ARG B 453 -16.28 6.72 -6.55
C ARG B 453 -17.69 7.28 -6.71
N LEU B 454 -18.71 6.48 -6.44
CA LEU B 454 -20.09 6.94 -6.51
C LEU B 454 -20.73 7.09 -5.14
N ALA B 455 -20.19 6.43 -4.13
CA ALA B 455 -20.60 6.67 -2.75
C ALA B 455 -19.74 7.72 -2.08
N THR B 456 -18.97 8.48 -2.85
CA THR B 456 -18.36 9.70 -2.37
C THR B 456 -18.80 10.89 -3.20
N VAL B 457 -19.67 10.66 -4.18
CA VAL B 457 -20.31 11.70 -4.95
C VAL B 457 -21.78 11.86 -4.57
N ILE B 458 -22.47 10.75 -4.37
CA ILE B 458 -23.81 10.79 -3.79
C ILE B 458 -23.75 11.25 -2.34
N VAL B 459 -22.74 10.81 -1.59
CA VAL B 459 -22.63 11.19 -0.18
C VAL B 459 -22.23 12.65 -0.04
N THR B 460 -21.26 13.10 -0.82
CA THR B 460 -20.90 14.52 -0.81
C THR B 460 -21.97 15.37 -1.47
N GLY B 461 -22.67 14.82 -2.45
CA GLY B 461 -23.78 15.54 -3.04
C GLY B 461 -24.99 15.64 -2.12
N PHE B 462 -25.18 14.64 -1.25
CA PHE B 462 -26.26 14.75 -0.28
C PHE B 462 -25.89 15.67 0.87
N ILE B 463 -24.63 15.69 1.28
CA ILE B 463 -24.21 16.58 2.36
C ILE B 463 -24.22 18.03 1.89
N LEU B 464 -23.65 18.30 0.71
CA LEU B 464 -23.58 19.67 0.22
C LEU B 464 -24.94 20.24 -0.13
N ALA B 465 -25.90 19.41 -0.48
CA ALA B 465 -27.22 19.89 -0.84
C ALA B 465 -28.13 20.04 0.35
N THR B 466 -27.77 19.54 1.51
CA THR B 466 -28.58 19.73 2.71
C THR B 466 -27.99 20.75 3.66
N VAL B 467 -26.68 20.97 3.65
CA VAL B 467 -26.11 22.12 4.34
C VAL B 467 -26.50 23.40 3.62
N PHE B 468 -26.21 23.47 2.33
CA PHE B 468 -26.52 24.62 1.52
C PHE B 468 -27.89 24.48 0.89
N TRP B 469 -28.89 24.17 1.70
CA TRP B 469 -30.23 23.91 1.19
C TRP B 469 -30.92 25.24 0.96
N ARG B 470 -31.21 25.54 -0.31
CA ARG B 470 -32.07 26.64 -0.74
C ARG B 470 -31.57 28.00 -0.26
N LEU B 471 -30.39 28.36 -0.74
CA LEU B 471 -29.73 29.58 -0.30
C LEU B 471 -30.48 30.80 -0.81
N ASP B 472 -30.56 31.82 0.03
CA ASP B 472 -31.33 33.01 -0.29
C ASP B 472 -30.47 34.05 -0.99
N ASN B 473 -31.10 35.14 -1.43
CA ASN B 473 -30.40 36.27 -2.04
C ASN B 473 -30.08 37.26 -0.93
N SER B 474 -29.06 36.90 -0.15
CA SER B 474 -28.61 37.64 1.01
C SER B 474 -27.12 37.89 0.83
N PRO B 475 -26.55 38.86 1.55
CA PRO B 475 -25.09 39.00 1.53
C PRO B 475 -24.35 37.82 2.11
N LYS B 476 -24.97 37.05 3.00
CA LYS B 476 -24.36 35.82 3.48
C LYS B 476 -24.61 34.66 2.56
N GLY B 477 -25.75 34.63 1.88
CA GLY B 477 -26.04 33.58 0.91
C GLY B 477 -25.25 33.69 -0.37
N VAL B 478 -24.72 34.87 -0.66
CA VAL B 478 -23.78 35.02 -1.78
C VAL B 478 -22.44 34.41 -1.42
N GLN B 479 -21.94 34.68 -0.21
CA GLN B 479 -20.69 34.10 0.25
C GLN B 479 -20.82 32.60 0.52
N GLU B 480 -22.04 32.10 0.71
CA GLU B 480 -22.24 30.67 0.83
C GLU B 480 -22.31 29.99 -0.52
N ARG B 481 -22.62 30.72 -1.58
CA ARG B 481 -22.56 30.13 -2.91
C ARG B 481 -21.13 29.96 -3.37
N LEU B 482 -20.26 30.93 -3.09
CA LEU B 482 -18.86 30.78 -3.43
C LEU B 482 -18.21 29.69 -2.61
N GLY B 483 -18.69 29.45 -1.38
CA GLY B 483 -18.19 28.34 -0.60
C GLY B 483 -18.78 27.02 -1.01
N PHE B 484 -19.99 27.01 -1.56
CA PHE B 484 -20.52 25.79 -2.13
C PHE B 484 -19.79 25.44 -3.42
N PHE B 485 -19.60 26.42 -4.30
CA PHE B 485 -18.98 26.19 -5.60
C PHE B 485 -17.51 25.86 -5.49
N ALA B 486 -16.84 26.22 -4.41
CA ALA B 486 -15.44 25.85 -4.27
C ALA B 486 -15.26 24.50 -3.62
N PHE B 487 -16.20 24.08 -2.77
CA PHE B 487 -16.18 22.74 -2.23
C PHE B 487 -16.75 21.74 -3.21
N ALA B 488 -17.73 22.13 -4.02
CA ALA B 488 -18.26 21.25 -5.04
C ALA B 488 -17.20 20.99 -6.12
N MET B 489 -16.61 22.04 -6.66
CA MET B 489 -15.67 21.88 -7.76
C MET B 489 -14.31 21.35 -7.34
N SER B 490 -14.09 21.08 -6.06
CA SER B 490 -12.92 20.35 -5.61
C SER B 490 -13.21 18.90 -5.35
N THR B 491 -14.48 18.53 -5.20
CA THR B 491 -14.88 17.13 -5.11
C THR B 491 -14.58 16.39 -6.40
N MET B 492 -14.64 17.07 -7.54
CA MET B 492 -14.35 16.46 -8.82
C MET B 492 -12.91 16.05 -8.95
N PHE B 493 -12.01 16.71 -8.24
CA PHE B 493 -10.60 16.43 -8.33
C PHE B 493 -10.12 15.44 -7.27
N TYR B 494 -10.83 15.33 -6.15
CA TYR B 494 -10.51 14.34 -5.13
C TYR B 494 -11.14 12.99 -5.43
N THR B 495 -12.35 12.96 -5.98
CA THR B 495 -13.03 11.71 -6.28
C THR B 495 -12.24 10.86 -7.26
N CYS B 496 -11.60 11.51 -8.23
CA CYS B 496 -10.77 10.82 -9.19
C CYS B 496 -9.40 10.45 -8.61
N ALA B 497 -9.04 10.94 -7.43
CA ALA B 497 -7.81 10.50 -6.80
C ALA B 497 -7.91 9.11 -6.21
N ASP B 498 -9.12 8.57 -6.06
CA ASP B 498 -9.30 7.18 -5.65
C ASP B 498 -9.32 6.26 -6.87
N ALA B 499 -8.33 6.44 -7.73
CA ALA B 499 -8.04 5.52 -8.81
C ALA B 499 -6.55 5.31 -8.93
N LEU B 500 -5.74 5.92 -8.07
CA LEU B 500 -4.32 5.62 -8.00
C LEU B 500 -4.00 4.16 -7.64
N PRO B 501 -4.83 3.38 -6.93
CA PRO B 501 -4.60 1.93 -6.94
C PRO B 501 -4.69 1.29 -8.32
N VAL B 502 -5.71 1.61 -9.10
CA VAL B 502 -5.90 0.91 -10.36
C VAL B 502 -5.09 1.56 -11.48
N PHE B 503 -4.72 2.84 -11.35
CA PHE B 503 -3.89 3.46 -12.38
C PHE B 503 -2.44 3.02 -12.30
N LEU B 504 -1.97 2.62 -11.13
CA LEU B 504 -0.66 2.02 -10.99
C LEU B 504 -0.73 0.50 -10.98
N GLN B 505 -1.90 -0.07 -11.26
CA GLN B 505 -2.03 -1.52 -11.41
C GLN B 505 -1.73 -1.92 -12.83
N GLU B 506 -2.34 -1.25 -13.81
CA GLU B 506 -1.75 -1.15 -15.12
C GLU B 506 -0.67 -0.07 -15.08
N ARG B 507 0.03 0.08 -16.21
CA ARG B 507 1.34 0.71 -16.44
C ARG B 507 2.47 -0.08 -15.78
N TYR B 508 2.14 -1.13 -15.03
CA TYR B 508 3.03 -2.26 -14.82
C TYR B 508 2.65 -3.43 -15.70
N ILE B 509 1.40 -3.50 -16.12
CA ILE B 509 0.97 -4.40 -17.18
C ILE B 509 1.20 -3.79 -18.56
N PHE B 510 1.20 -2.46 -18.67
CA PHE B 510 1.54 -1.82 -19.94
C PHE B 510 3.03 -1.94 -20.23
N MET B 511 3.85 -1.78 -19.19
CA MET B 511 5.30 -1.90 -19.38
C MET B 511 5.73 -3.32 -19.68
N ARG B 512 4.92 -4.30 -19.30
CA ARG B 512 5.19 -5.68 -19.68
C ARG B 512 4.75 -5.96 -21.10
N GLU B 513 3.62 -5.42 -21.51
CA GLU B 513 3.04 -5.75 -22.81
C GLU B 513 3.59 -4.90 -23.95
N THR B 514 4.32 -3.85 -23.66
CA THR B 514 4.99 -3.10 -24.73
C THR B 514 6.41 -3.56 -24.97
N ALA B 515 6.92 -4.50 -24.18
CA ALA B 515 8.16 -5.16 -24.55
C ALA B 515 7.95 -6.14 -25.70
N TYR B 516 6.74 -6.65 -25.85
CA TYR B 516 6.39 -7.56 -26.93
C TYR B 516 5.75 -6.86 -28.12
N ASN B 517 5.65 -5.52 -28.09
CA ASN B 517 4.95 -4.69 -29.08
C ASN B 517 3.50 -5.13 -29.26
N ALA B 518 2.79 -5.29 -28.15
CA ALA B 518 1.40 -5.68 -28.25
C ALA B 518 0.53 -4.50 -28.69
N TYR B 519 0.80 -3.32 -28.15
CA TYR B 519 0.08 -2.13 -28.55
C TYR B 519 1.00 -0.93 -28.44
N ARG B 520 0.62 0.14 -29.11
CA ARG B 520 1.38 1.37 -29.05
C ARG B 520 1.09 2.11 -27.75
N ARG B 521 1.99 3.02 -27.39
CA ARG B 521 1.74 3.82 -26.21
C ARG B 521 0.78 4.96 -26.50
N SER B 522 0.69 5.40 -27.75
CA SER B 522 -0.34 6.35 -28.13
C SER B 522 -1.71 5.71 -28.08
N SER B 523 -1.81 4.47 -28.52
CA SER B 523 -3.05 3.69 -28.47
C SER B 523 -3.41 3.22 -27.08
N TYR B 524 -2.54 3.39 -26.09
CA TYR B 524 -2.88 3.02 -24.73
C TYR B 524 -3.48 4.20 -23.97
N VAL B 525 -2.97 5.41 -24.21
CA VAL B 525 -3.52 6.60 -23.57
C VAL B 525 -4.90 6.92 -24.13
N LEU B 526 -5.07 6.76 -25.44
CA LEU B 526 -6.35 7.02 -26.07
C LEU B 526 -7.41 6.01 -25.69
N SER B 527 -7.02 4.85 -25.20
CA SER B 527 -7.97 3.83 -24.82
C SER B 527 -8.29 3.89 -23.34
N HIS B 528 -7.38 4.43 -22.56
CA HIS B 528 -7.54 4.61 -21.13
C HIS B 528 -8.30 5.88 -20.81
N ALA B 529 -8.29 6.86 -21.71
CA ALA B 529 -9.12 8.04 -21.58
C ALA B 529 -10.55 7.76 -21.98
N ILE B 530 -10.76 6.84 -22.92
CA ILE B 530 -12.09 6.55 -23.41
C ILE B 530 -12.91 5.81 -22.37
N VAL B 531 -12.33 4.79 -21.72
CA VAL B 531 -13.15 3.93 -20.87
C VAL B 531 -13.49 4.56 -19.52
N THR B 532 -12.76 5.57 -19.08
CA THR B 532 -13.18 6.26 -17.87
C THR B 532 -14.35 7.18 -18.12
N PHE B 533 -14.55 7.61 -19.34
CA PHE B 533 -15.52 8.63 -19.69
C PHE B 533 -17.00 8.23 -19.54
N PRO B 534 -17.44 6.99 -19.79
CA PRO B 534 -18.82 6.65 -19.42
C PRO B 534 -19.06 6.54 -17.93
N SER B 535 -18.02 6.36 -17.12
CA SER B 535 -18.21 6.40 -15.68
C SER B 535 -18.06 7.78 -15.11
N LEU B 536 -17.57 8.74 -15.90
CA LEU B 536 -17.51 10.13 -15.48
C LEU B 536 -18.80 10.86 -15.80
N ILE B 537 -19.50 10.44 -16.85
CA ILE B 537 -20.79 11.04 -17.18
C ILE B 537 -21.82 10.68 -16.12
N PHE B 538 -21.73 9.49 -15.56
CA PHE B 538 -22.71 9.11 -14.54
C PHE B 538 -22.39 9.71 -13.19
N LEU B 539 -21.12 9.91 -12.86
CA LEU B 539 -20.78 10.63 -11.64
C LEU B 539 -21.09 12.11 -11.77
N SER B 540 -21.06 12.64 -12.98
CA SER B 540 -21.27 14.08 -13.14
C SER B 540 -22.73 14.46 -13.14
N LEU B 541 -23.64 13.56 -13.50
CA LEU B 541 -25.05 13.87 -13.37
C LEU B 541 -25.67 13.20 -12.16
N ALA B 542 -24.86 12.62 -11.28
CA ALA B 542 -25.31 12.26 -9.95
C ALA B 542 -24.98 13.33 -8.94
N PHE B 543 -23.96 14.13 -9.21
CA PHE B 543 -23.65 15.31 -8.41
C PHE B 543 -24.45 16.52 -8.86
N ALA B 544 -24.84 16.56 -10.13
CA ALA B 544 -25.59 17.70 -10.66
C ALA B 544 -27.09 17.56 -10.54
N VAL B 545 -27.59 16.35 -10.32
CA VAL B 545 -29.01 16.19 -10.03
C VAL B 545 -29.28 16.45 -8.56
N THR B 546 -28.35 16.01 -7.71
CA THR B 546 -28.49 16.20 -6.27
C THR B 546 -28.39 17.67 -5.88
N THR B 547 -27.25 18.30 -6.21
CA THR B 547 -26.95 19.67 -5.82
C THR B 547 -27.30 20.69 -6.89
N PHE B 548 -28.48 20.68 -7.45
CA PHE B 548 -28.84 21.84 -8.25
C PHE B 548 -30.18 22.40 -7.87
N TRP B 549 -31.15 21.53 -7.61
CA TRP B 549 -32.48 21.96 -7.25
C TRP B 549 -32.65 22.05 -5.76
N ALA B 550 -31.71 21.50 -5.00
CA ALA B 550 -31.69 21.60 -3.56
C ALA B 550 -30.97 22.86 -3.10
N VAL B 551 -29.77 23.10 -3.63
CA VAL B 551 -29.08 24.35 -3.37
C VAL B 551 -29.82 25.52 -4.02
N GLY B 552 -30.55 25.25 -5.09
CA GLY B 552 -31.37 26.27 -5.69
C GLY B 552 -30.53 27.12 -6.61
N LEU B 553 -29.77 26.48 -7.47
CA LEU B 553 -28.86 27.22 -8.32
C LEU B 553 -29.64 27.88 -9.45
N GLU B 554 -29.04 28.91 -10.03
CA GLU B 554 -29.73 29.75 -10.99
C GLU B 554 -29.36 29.34 -12.41
N GLY B 555 -30.32 29.50 -13.30
CA GLY B 555 -30.10 29.23 -14.71
C GLY B 555 -31.29 28.55 -15.34
N GLY B 556 -32.10 27.88 -14.53
CA GLY B 556 -33.22 27.16 -15.05
C GLY B 556 -32.83 25.81 -15.62
N LEU B 557 -32.86 25.69 -16.94
CA LEU B 557 -32.50 24.45 -17.62
C LEU B 557 -31.25 24.59 -18.46
N MET B 558 -31.06 25.73 -19.12
CA MET B 558 -29.80 25.96 -19.83
C MET B 558 -28.66 26.29 -18.88
N GLY B 559 -28.98 26.60 -17.63
CA GLY B 559 -27.98 26.71 -16.58
C GLY B 559 -27.84 25.48 -15.74
N PHE B 560 -28.67 24.47 -16.00
CA PHE B 560 -28.46 23.13 -15.47
C PHE B 560 -27.56 22.32 -16.38
N LEU B 561 -27.71 22.48 -17.69
CA LEU B 561 -26.87 21.75 -18.61
C LEU B 561 -25.45 22.25 -18.58
N PHE B 562 -25.23 23.54 -18.31
CA PHE B 562 -23.86 24.00 -18.12
C PHE B 562 -23.29 23.50 -16.81
N TYR B 563 -24.13 23.36 -15.78
CA TYR B 563 -23.67 22.79 -14.52
C TYR B 563 -23.30 21.33 -14.70
N CYS B 564 -24.05 20.59 -15.52
CA CYS B 564 -23.67 19.23 -15.88
C CYS B 564 -22.38 19.19 -16.69
N LEU B 565 -22.17 20.16 -17.58
CA LEU B 565 -21.00 20.17 -18.46
C LEU B 565 -19.73 20.43 -17.68
N ILE B 566 -19.76 21.40 -16.76
CA ILE B 566 -18.55 21.79 -16.06
C ILE B 566 -18.25 20.86 -14.89
N ILE B 567 -19.20 20.06 -14.45
CA ILE B 567 -18.87 19.00 -13.52
C ILE B 567 -18.15 17.88 -14.24
N LEU B 568 -18.63 17.54 -15.44
CA LEU B 568 -18.01 16.50 -16.24
C LEU B 568 -16.64 16.93 -16.76
N ALA B 569 -16.45 18.21 -17.05
CA ALA B 569 -15.14 18.68 -17.48
C ALA B 569 -14.16 18.83 -16.33
N SER B 570 -14.63 18.89 -15.09
CA SER B 570 -13.74 18.90 -13.94
C SER B 570 -13.44 17.50 -13.46
N PHE B 571 -14.34 16.56 -13.71
CA PHE B 571 -14.01 15.15 -13.56
C PHE B 571 -13.00 14.73 -14.62
N TRP B 572 -13.09 15.32 -15.81
CA TRP B 572 -12.23 14.92 -16.91
C TRP B 572 -10.81 15.44 -16.73
N SER B 573 -10.66 16.65 -16.20
CA SER B 573 -9.31 17.15 -15.98
C SER B 573 -8.75 16.74 -14.62
N GLY B 574 -9.60 16.26 -13.73
CA GLY B 574 -9.13 15.79 -12.45
C GLY B 574 -8.77 14.32 -12.48
N SER B 575 -9.31 13.59 -13.44
CA SER B 575 -8.88 12.23 -13.70
C SER B 575 -7.75 12.17 -14.69
N SER B 576 -7.55 13.22 -15.48
CA SER B 576 -6.38 13.31 -16.34
C SER B 576 -5.17 13.78 -15.57
N PHE B 577 -5.36 14.56 -14.50
CA PHE B 577 -4.24 15.01 -13.71
C PHE B 577 -3.66 13.88 -12.89
N VAL B 578 -4.52 13.01 -12.35
CA VAL B 578 -4.03 11.93 -11.51
C VAL B 578 -3.68 10.69 -12.32
N THR B 579 -4.03 10.63 -13.60
CA THR B 579 -3.43 9.64 -14.47
C THR B 579 -2.10 10.11 -15.01
N PHE B 580 -1.80 11.40 -14.92
CA PHE B 580 -0.49 11.92 -15.29
C PHE B 580 0.50 11.75 -14.16
N LEU B 581 0.05 11.94 -12.92
CA LEU B 581 0.91 11.66 -11.77
C LEU B 581 1.16 10.17 -11.63
N SER B 582 0.16 9.34 -11.89
CA SER B 582 0.37 7.89 -11.94
C SER B 582 1.11 7.59 -13.24
N GLY B 583 2.43 7.71 -13.17
CA GLY B 583 3.24 7.79 -14.37
C GLY B 583 4.43 8.67 -14.14
N VAL B 584 4.44 9.40 -13.03
CA VAL B 584 5.64 10.02 -12.49
C VAL B 584 5.89 9.63 -11.04
N VAL B 585 5.00 8.84 -10.42
CA VAL B 585 5.22 8.38 -9.05
C VAL B 585 5.48 6.88 -9.04
N PRO B 586 6.27 6.37 -8.09
CA PRO B 586 6.52 4.92 -8.07
C PRO B 586 5.47 4.10 -7.34
N HIS B 587 4.78 4.66 -6.35
CA HIS B 587 3.80 3.86 -5.62
C HIS B 587 2.60 4.72 -5.24
N VAL B 588 1.58 4.05 -4.69
CA VAL B 588 0.27 4.67 -4.48
C VAL B 588 0.31 5.67 -3.33
N MET B 589 1.03 5.33 -2.27
CA MET B 589 0.98 6.15 -1.05
C MET B 589 1.76 7.45 -1.20
N LEU B 590 2.85 7.45 -1.97
CA LEU B 590 3.52 8.72 -2.29
C LEU B 590 2.67 9.53 -3.25
N GLY B 591 2.07 8.88 -4.24
CA GLY B 591 1.19 9.55 -5.17
C GLY B 591 -0.22 9.70 -4.67
N TYR B 592 -0.39 9.83 -3.36
CA TYR B 592 -1.63 10.29 -2.76
C TYR B 592 -1.41 11.43 -1.79
N THR B 593 -0.31 11.46 -1.06
CA THR B 593 -0.03 12.59 -0.19
C THR B 593 0.45 13.81 -0.95
N ILE B 594 0.80 13.66 -2.24
CA ILE B 594 1.07 14.80 -3.10
C ILE B 594 -0.03 15.00 -4.11
N VAL B 595 -1.07 14.19 -4.09
CA VAL B 595 -2.28 14.52 -4.82
C VAL B 595 -3.20 15.38 -3.98
N VAL B 596 -3.33 15.05 -2.70
CA VAL B 596 -4.08 15.90 -1.77
C VAL B 596 -3.36 17.22 -1.54
N ALA B 597 -2.03 17.23 -1.60
CA ALA B 597 -1.30 18.46 -1.34
C ALA B 597 -1.37 19.41 -2.52
N ILE B 598 -1.38 18.90 -3.74
CA ILE B 598 -1.45 19.79 -4.90
C ILE B 598 -2.88 20.26 -5.13
N LEU B 599 -3.86 19.39 -4.96
CA LEU B 599 -5.25 19.79 -5.13
C LEU B 599 -5.78 20.61 -3.97
N ALA B 600 -5.00 20.82 -2.92
CA ALA B 600 -5.30 21.82 -1.90
C ALA B 600 -4.65 23.15 -2.22
N TYR B 601 -3.49 23.14 -2.87
CA TYR B 601 -2.89 24.38 -3.36
C TYR B 601 -3.54 24.84 -4.65
N PHE B 602 -4.21 23.96 -5.37
CA PHE B 602 -5.03 24.40 -6.48
C PHE B 602 -6.27 25.12 -6.01
N LEU B 603 -6.82 24.70 -4.86
CA LEU B 603 -8.00 25.31 -4.29
C LEU B 603 -7.70 26.64 -3.61
N LEU B 604 -6.53 26.75 -2.98
CA LEU B 604 -6.09 28.01 -2.39
C LEU B 604 -5.90 29.08 -3.46
N PHE B 605 -5.47 28.71 -4.65
CA PHE B 605 -5.23 29.64 -5.74
C PHE B 605 -6.38 29.73 -6.72
N SER B 606 -7.54 29.16 -6.39
CA SER B 606 -8.68 29.22 -7.30
C SER B 606 -9.32 30.59 -7.36
N GLY B 607 -9.04 31.45 -6.39
CA GLY B 607 -9.73 32.71 -6.27
C GLY B 607 -10.80 32.71 -5.22
N PHE B 608 -10.93 31.65 -4.45
CA PHE B 608 -11.92 31.61 -3.37
C PHE B 608 -11.32 32.10 -2.06
N PHE B 609 -10.12 31.61 -1.71
CA PHE B 609 -9.51 32.01 -0.45
C PHE B 609 -8.92 33.40 -0.54
N ILE B 610 -8.24 33.71 -1.63
CA ILE B 610 -7.69 35.03 -1.92
C ILE B 610 -7.98 35.32 -3.38
N ASN B 611 -8.47 36.51 -3.68
CA ASN B 611 -8.93 36.82 -5.01
C ASN B 611 -7.76 37.02 -5.96
N ARG B 612 -8.07 37.07 -7.26
CA ARG B 612 -7.05 37.12 -8.29
C ARG B 612 -6.24 38.41 -8.24
N ASP B 613 -6.90 39.52 -7.99
CA ASP B 613 -6.20 40.80 -7.97
C ASP B 613 -5.60 41.12 -6.61
N ARG B 614 -5.64 40.18 -5.68
CA ARG B 614 -4.94 40.30 -4.41
C ARG B 614 -3.82 39.29 -4.25
N ILE B 615 -3.70 38.32 -5.15
CA ILE B 615 -2.55 37.41 -5.16
C ILE B 615 -1.30 38.20 -5.57
N PRO B 616 -0.17 38.04 -4.90
CA PRO B 616 1.02 38.81 -5.24
C PRO B 616 1.55 38.47 -6.62
N GLN B 617 2.43 39.33 -7.13
CA GLN B 617 2.92 39.17 -8.49
C GLN B 617 3.82 37.95 -8.65
N TYR B 618 4.46 37.50 -7.58
CA TYR B 618 5.30 36.33 -7.70
C TYR B 618 4.53 35.02 -7.59
N TRP B 619 3.24 35.09 -7.27
CA TRP B 619 2.40 33.90 -7.18
C TRP B 619 1.31 33.89 -8.23
N ILE B 620 1.29 34.86 -9.14
CA ILE B 620 0.24 34.92 -10.13
C ILE B 620 0.45 33.90 -11.24
N TRP B 621 1.65 33.33 -11.38
CA TRP B 621 1.86 32.26 -12.36
C TRP B 621 1.17 30.99 -11.94
N PHE B 622 1.03 30.73 -10.64
CA PHE B 622 0.39 29.53 -10.14
C PHE B 622 -1.10 29.72 -9.93
N HIS B 623 -1.57 30.96 -9.91
CA HIS B 623 -3.01 31.19 -9.96
C HIS B 623 -3.56 30.75 -11.30
N TYR B 624 -2.86 31.07 -12.38
CA TYR B 624 -3.33 30.75 -13.72
C TYR B 624 -3.10 29.30 -14.09
N LEU B 625 -2.22 28.61 -13.39
CA LEU B 625 -1.96 27.20 -13.59
C LEU B 625 -2.78 26.32 -12.67
N SER B 626 -3.78 26.88 -12.01
CA SER B 626 -4.60 26.15 -11.06
C SER B 626 -5.73 25.46 -11.81
N LEU B 627 -5.92 24.17 -11.51
CA LEU B 627 -6.97 23.41 -12.17
C LEU B 627 -8.32 23.63 -11.56
N VAL B 628 -8.40 24.16 -10.34
CA VAL B 628 -9.68 24.46 -9.71
C VAL B 628 -10.14 25.87 -10.06
N LYS B 629 -9.25 26.73 -10.57
CA LYS B 629 -9.60 28.10 -10.88
C LYS B 629 -10.63 28.20 -11.99
N TYR B 630 -10.49 27.41 -13.03
CA TYR B 630 -11.32 27.52 -14.22
C TYR B 630 -12.70 26.89 -14.08
N PRO B 631 -12.91 25.75 -13.41
CA PRO B 631 -14.30 25.35 -13.15
C PRO B 631 -14.99 26.16 -12.07
N TYR B 632 -14.26 26.65 -11.06
CA TYR B 632 -14.88 27.48 -10.03
C TYR B 632 -15.32 28.81 -10.61
N GLU B 633 -14.52 29.39 -11.50
CA GLU B 633 -14.94 30.62 -12.15
C GLU B 633 -16.00 30.41 -13.21
N ALA B 634 -16.25 29.16 -13.61
CA ALA B 634 -17.26 28.92 -14.62
C ALA B 634 -18.63 28.73 -14.00
N VAL B 635 -18.70 28.15 -12.80
CA VAL B 635 -19.98 28.06 -12.12
C VAL B 635 -20.39 29.38 -11.49
N LEU B 636 -19.44 30.29 -11.27
CA LEU B 636 -19.81 31.61 -10.75
C LEU B 636 -20.46 32.46 -11.82
N GLN B 637 -19.93 32.46 -13.04
CA GLN B 637 -20.57 33.19 -14.12
C GLN B 637 -21.81 32.48 -14.65
N ASN B 638 -21.97 31.20 -14.37
CA ASN B 638 -23.21 30.51 -14.66
C ASN B 638 -24.29 30.88 -13.66
N GLU B 639 -23.91 31.14 -12.41
CA GLU B 639 -24.86 31.49 -11.36
C GLU B 639 -25.11 32.99 -11.29
N PHE B 640 -24.05 33.78 -11.20
CA PHE B 640 -24.17 35.22 -11.06
C PHE B 640 -24.14 35.93 -12.41
N SER B 641 -24.95 35.49 -13.35
CA SER B 641 -25.21 36.28 -14.56
C SER B 641 -26.70 36.14 -14.85
N ASP B 642 -27.46 37.02 -14.24
CA ASP B 642 -28.90 37.13 -14.38
C ASP B 642 -29.27 38.55 -14.02
N PRO B 643 -29.84 39.33 -14.95
CA PRO B 643 -30.10 40.75 -14.66
C PRO B 643 -31.31 40.98 -13.77
N THR B 644 -32.18 39.98 -13.62
CA THR B 644 -33.37 40.13 -12.80
C THR B 644 -33.13 39.81 -11.33
N GLU B 645 -32.21 38.90 -11.03
CA GLU B 645 -31.92 38.55 -9.65
C GLU B 645 -31.11 39.64 -8.98
N CYS B 646 -31.54 40.02 -7.78
CA CYS B 646 -30.96 41.14 -7.05
C CYS B 646 -30.57 40.67 -5.66
N PHE B 647 -29.35 40.98 -5.25
CA PHE B 647 -28.86 40.54 -3.95
C PHE B 647 -28.87 41.63 -2.88
N VAL B 648 -28.99 42.89 -3.27
CA VAL B 648 -29.17 44.01 -2.35
C VAL B 648 -30.22 44.92 -2.97
N ARG B 649 -31.31 45.17 -2.23
CA ARG B 649 -32.46 45.93 -2.75
C ARG B 649 -32.73 47.14 -1.87
N GLY B 650 -32.10 48.27 -2.19
CA GLY B 650 -32.53 49.57 -1.71
C GLY B 650 -32.27 49.88 -0.25
N VAL B 651 -33.02 49.23 0.64
CA VAL B 651 -32.82 49.39 2.08
C VAL B 651 -32.04 48.23 2.67
N GLN B 652 -31.51 47.35 1.82
CA GLN B 652 -30.49 46.41 2.21
C GLN B 652 -29.09 46.99 2.06
N LEU B 653 -28.99 48.26 1.72
CA LEU B 653 -27.71 48.95 1.66
C LEU B 653 -27.07 49.03 3.03
N PHE B 654 -27.87 49.33 4.05
CA PHE B 654 -27.41 49.39 5.43
C PHE B 654 -27.92 48.14 6.13
N ASP B 655 -27.11 47.08 6.08
CA ASP B 655 -27.42 45.87 6.83
C ASP B 655 -26.38 45.52 7.86
N ASN B 656 -25.11 45.42 7.47
CA ASN B 656 -24.10 44.85 8.35
C ASN B 656 -22.92 45.79 8.55
N SER B 657 -23.23 47.05 8.80
CA SER B 657 -22.35 48.07 9.31
C SER B 657 -23.01 48.59 10.56
N PRO B 658 -22.28 49.29 11.45
CA PRO B 658 -22.94 49.97 12.58
C PRO B 658 -24.03 50.93 12.15
N LEU B 659 -23.81 51.63 11.06
CA LEU B 659 -24.92 52.18 10.28
C LEU B 659 -25.60 51.02 9.58
N GLY B 660 -26.76 50.60 10.09
CA GLY B 660 -27.39 49.42 9.53
C GLY B 660 -28.16 48.54 10.50
N GLU B 661 -28.05 48.81 11.80
CA GLU B 661 -28.95 48.20 12.77
C GLU B 661 -30.08 49.15 13.13
N LEU B 662 -30.55 49.91 12.13
CA LEU B 662 -31.65 50.84 12.29
C LEU B 662 -32.97 50.11 12.12
N THR B 663 -34.05 50.87 12.09
CA THR B 663 -35.37 50.36 11.74
C THR B 663 -35.74 50.86 10.35
N TYR B 664 -36.86 50.33 9.83
CA TYR B 664 -37.27 50.67 8.48
C TYR B 664 -37.75 52.10 8.34
N GLY B 665 -38.12 52.75 9.45
CA GLY B 665 -38.65 54.10 9.37
C GLY B 665 -37.61 55.13 8.96
N MET B 666 -36.50 55.21 9.68
CA MET B 666 -35.48 56.19 9.37
C MET B 666 -34.55 55.75 8.25
N LYS B 667 -34.67 54.51 7.77
CA LYS B 667 -33.85 54.06 6.64
C LYS B 667 -34.21 54.79 5.36
N LEU B 668 -35.49 55.13 5.16
CA LEU B 668 -35.90 55.78 3.94
C LEU B 668 -35.52 57.26 3.95
N ARG B 669 -35.53 57.88 5.11
CA ARG B 669 -34.96 59.23 5.23
C ARG B 669 -33.46 59.17 5.04
N LEU B 670 -32.82 58.10 5.52
CA LEU B 670 -31.41 57.87 5.26
C LEU B 670 -31.14 57.57 3.80
N LEU B 671 -32.12 56.99 3.10
CA LEU B 671 -31.95 56.65 1.70
C LEU B 671 -32.34 57.78 0.76
N ASP B 672 -33.37 58.56 1.12
CA ASP B 672 -33.71 59.74 0.33
C ASP B 672 -32.68 60.85 0.47
N SER B 673 -31.96 60.89 1.59
CA SER B 673 -30.90 61.87 1.75
C SER B 673 -29.67 61.54 0.92
N VAL B 674 -29.42 60.26 0.66
CA VAL B 674 -28.37 59.89 -0.28
C VAL B 674 -28.74 60.31 -1.69
N SER B 675 -30.03 60.21 -2.03
CA SER B 675 -30.53 60.70 -3.31
C SER B 675 -30.38 62.21 -3.45
N ARG B 676 -30.33 62.93 -2.32
CA ARG B 676 -30.11 64.37 -2.30
C ARG B 676 -28.64 64.76 -2.36
N SER B 677 -27.75 63.83 -2.73
CA SER B 677 -26.32 64.08 -2.71
C SER B 677 -25.61 63.78 -4.03
N ILE B 678 -26.14 62.86 -4.84
CA ILE B 678 -25.54 62.53 -6.12
C ILE B 678 -26.35 63.09 -7.29
N GLY B 679 -27.68 63.16 -7.16
CA GLY B 679 -28.56 63.55 -8.23
C GLY B 679 -29.44 62.43 -8.71
N MET B 680 -29.19 61.21 -8.26
CA MET B 680 -30.01 60.06 -8.58
C MET B 680 -31.19 60.01 -7.60
N ARG B 681 -32.09 59.05 -7.81
CA ARG B 681 -33.22 58.84 -6.92
C ARG B 681 -33.23 57.37 -6.53
N ILE B 682 -32.99 57.11 -5.25
CA ILE B 682 -32.79 55.75 -4.75
C ILE B 682 -33.97 55.41 -3.84
N SER B 683 -34.62 54.28 -4.12
CA SER B 683 -35.78 53.86 -3.34
C SER B 683 -35.57 52.45 -2.82
N SER B 684 -36.62 51.84 -2.29
CA SER B 684 -36.55 50.44 -1.87
C SER B 684 -36.81 49.46 -3.01
N SER B 685 -36.74 49.92 -4.26
CA SER B 685 -36.91 49.10 -5.45
C SER B 685 -35.89 49.48 -6.50
N THR B 686 -34.65 49.74 -6.09
CA THR B 686 -33.65 50.25 -7.00
C THR B 686 -32.66 49.20 -7.49
N CYS B 687 -32.53 48.08 -6.77
CA CYS B 687 -31.71 46.92 -7.15
C CYS B 687 -30.23 47.31 -7.33
N LEU B 688 -29.60 47.65 -6.20
CA LEU B 688 -28.22 48.09 -6.16
C LEU B 688 -27.23 47.04 -6.64
N THR B 689 -27.11 45.93 -5.94
CA THR B 689 -26.13 44.90 -6.25
C THR B 689 -26.81 43.77 -7.02
N THR B 690 -26.48 43.62 -8.28
CA THR B 690 -26.96 42.51 -9.09
C THR B 690 -25.98 41.36 -9.00
N GLY B 691 -26.13 40.37 -9.88
CA GLY B 691 -25.15 39.31 -9.97
C GLY B 691 -23.92 39.67 -10.77
N ALA B 692 -24.01 40.69 -11.61
CA ALA B 692 -22.85 41.12 -12.36
C ALA B 692 -21.88 41.92 -11.50
N ASP B 693 -22.33 42.43 -10.36
CA ASP B 693 -21.46 43.13 -9.43
C ASP B 693 -20.88 42.21 -8.37
N VAL B 694 -21.44 41.03 -8.20
CA VAL B 694 -20.81 40.01 -7.36
C VAL B 694 -19.55 39.50 -8.02
N LEU B 695 -19.57 39.39 -9.34
CA LEU B 695 -18.40 38.89 -10.05
C LEU B 695 -17.29 39.91 -10.11
N LYS B 696 -17.63 41.20 -10.18
CA LYS B 696 -16.59 42.22 -10.13
C LYS B 696 -15.99 42.38 -8.76
N GLN B 697 -16.72 42.01 -7.71
CA GLN B 697 -16.15 42.03 -6.36
C GLN B 697 -15.24 40.85 -6.11
N GLN B 698 -15.38 39.77 -6.86
CA GLN B 698 -14.52 38.61 -6.73
C GLN B 698 -13.37 38.61 -7.72
N GLY B 699 -13.37 39.52 -8.68
CA GLY B 699 -12.37 39.51 -9.72
C GLY B 699 -12.64 38.52 -10.83
N VAL B 700 -13.82 37.91 -10.86
CA VAL B 700 -14.13 36.91 -11.89
C VAL B 700 -14.67 37.70 -13.07
N THR B 701 -13.75 38.27 -13.85
CA THR B 701 -14.12 39.12 -14.97
C THR B 701 -13.24 38.90 -16.20
N GLN B 702 -12.29 37.97 -16.17
CA GLN B 702 -11.30 37.87 -17.22
C GLN B 702 -11.73 36.94 -18.36
N LEU B 703 -12.54 35.94 -18.09
CA LEU B 703 -12.92 34.97 -19.11
C LEU B 703 -14.41 34.69 -19.00
N SER B 704 -15.01 34.30 -20.11
CA SER B 704 -16.39 33.89 -20.12
C SER B 704 -16.52 32.51 -19.49
N LYS B 705 -17.76 32.05 -19.33
CA LYS B 705 -17.91 30.74 -18.71
C LYS B 705 -17.61 29.62 -19.68
N TRP B 706 -17.70 29.87 -20.98
CA TRP B 706 -17.33 28.86 -21.96
C TRP B 706 -15.82 28.81 -22.15
N ASN B 707 -15.14 29.94 -22.06
CA ASN B 707 -13.68 29.92 -22.09
C ASN B 707 -13.09 29.38 -20.80
N CYS B 708 -13.85 29.40 -19.71
CA CYS B 708 -13.44 28.69 -18.50
C CYS B 708 -13.81 27.22 -18.56
N LEU B 709 -14.75 26.85 -19.43
CA LEU B 709 -15.00 25.44 -19.72
C LEU B 709 -14.02 24.91 -20.76
N LEU B 710 -13.50 25.76 -21.64
CA LEU B 710 -12.50 25.32 -22.61
C LEU B 710 -11.18 25.00 -21.95
N ILE B 711 -10.75 25.85 -21.01
CA ILE B 711 -9.47 25.63 -20.35
C ILE B 711 -9.58 24.49 -19.35
N THR B 712 -10.79 24.17 -18.90
CA THR B 712 -10.97 23.00 -18.06
C THR B 712 -10.78 21.72 -18.86
N VAL B 713 -11.33 21.68 -20.07
CA VAL B 713 -11.10 20.55 -20.97
C VAL B 713 -9.67 20.56 -21.49
N GLY B 714 -9.12 21.73 -21.78
CA GLY B 714 -7.77 21.85 -22.30
C GLY B 714 -6.68 21.55 -21.29
N PHE B 715 -6.96 21.61 -20.00
CA PHE B 715 -6.05 21.03 -19.02
C PHE B 715 -6.26 19.55 -18.85
N GLY B 716 -7.36 19.00 -19.33
CA GLY B 716 -7.47 17.55 -19.35
C GLY B 716 -6.60 16.95 -20.43
N PHE B 717 -6.64 17.54 -21.62
CA PHE B 717 -5.83 17.08 -22.74
C PHE B 717 -4.36 17.39 -22.56
N LEU B 718 -4.00 18.30 -21.65
CA LEU B 718 -2.58 18.60 -21.44
C LEU B 718 -1.91 17.52 -20.61
N PHE B 719 -2.59 17.01 -19.59
CA PHE B 719 -2.06 15.95 -18.76
C PHE B 719 -2.29 14.57 -19.34
N ARG B 720 -2.81 14.48 -20.56
CA ARG B 720 -2.79 13.24 -21.32
C ARG B 720 -1.80 13.28 -22.46
N ILE B 721 -1.32 14.45 -22.84
CA ILE B 721 -0.15 14.55 -23.70
C ILE B 721 1.10 14.51 -22.85
N LEU B 722 1.05 15.09 -21.65
CA LEU B 722 2.17 14.97 -20.73
C LEU B 722 2.26 13.58 -20.10
N PHE B 723 1.17 12.82 -20.11
CA PHE B 723 1.22 11.43 -19.66
C PHE B 723 1.90 10.56 -20.71
N TYR B 724 1.61 10.83 -21.98
CA TYR B 724 2.22 10.08 -23.07
C TYR B 724 3.72 10.30 -23.15
N LEU B 725 4.19 11.49 -22.79
CA LEU B 725 5.62 11.76 -22.79
C LEU B 725 6.32 11.08 -21.62
N CYS B 726 5.64 10.90 -20.50
CA CYS B 726 6.21 10.13 -19.40
C CYS B 726 6.10 8.63 -19.62
N LEU B 727 5.29 8.18 -20.58
CA LEU B 727 5.40 6.81 -21.07
C LEU B 727 6.49 6.69 -22.11
N LEU B 728 6.86 7.80 -22.75
CA LEU B 728 7.95 7.82 -23.70
C LEU B 728 9.31 7.82 -23.02
N LEU B 729 9.41 8.37 -21.82
CA LEU B 729 10.67 8.39 -21.08
C LEU B 729 10.86 7.13 -20.24
N GLY B 730 9.92 6.88 -19.33
CA GLY B 730 10.05 5.81 -18.35
C GLY B 730 10.05 4.42 -18.91
N SER B 731 9.58 4.25 -20.15
CA SER B 731 9.66 2.95 -20.81
C SER B 731 10.90 2.83 -21.69
N LYS B 732 11.39 3.95 -22.23
CA LYS B 732 12.64 3.92 -23.00
C LYS B 732 13.84 3.76 -22.09
N ASN B 733 13.77 4.32 -20.88
CA ASN B 733 14.85 4.20 -19.91
C ASN B 733 14.67 2.95 -19.05
#